data_2YZH
#
_entry.id   2YZH
#
_cell.length_a   60.118
_cell.length_b   81.642
_cell.length_c   70.909
_cell.angle_alpha   90.00
_cell.angle_beta   105.74
_cell.angle_gamma   90.00
#
_symmetry.space_group_name_H-M   'P 1 21 1'
#
loop_
_entity.id
_entity.type
_entity.pdbx_description
1 polymer 'Probable thiol peroxidase'
2 non-polymer 'SULFATE ION'
3 water water
#
_entity_poly.entity_id   1
_entity_poly.type   'polypeptide(L)'
_entity_poly.pdbx_seq_one_letter_code
;GHMARTVNLKGNPVTLVGPELKVGDRAPEAVVVTKDLQEKIVGGAKDVVQVIITVPSLDTPVCETETKKFNEIMAGMEGV
DVTVVSMDLPFAQKRFCESFNIQNVTVASDFRYRDMEKYGVLIGEGALKGILARAVFIIDKEGKVAYVQLVPEITEEPNY
DEVVNKVKELI
;
_entity_poly.pdbx_strand_id   A,B,C,D
#
# COMPACT_ATOMS: atom_id res chain seq x y z
N GLY A 1 -3.93 22.49 21.48
CA GLY A 1 -3.78 21.09 21.02
C GLY A 1 -2.33 20.63 21.00
N HIS A 2 -2.11 19.34 21.20
CA HIS A 2 -0.76 18.78 21.21
C HIS A 2 -0.64 17.57 20.29
N MET A 3 0.54 17.38 19.72
CA MET A 3 0.80 16.25 18.83
C MET A 3 1.90 15.36 19.40
N ALA A 4 1.87 14.07 19.07
CA ALA A 4 2.87 13.12 19.56
C ALA A 4 3.09 11.97 18.58
N ARG A 5 3.98 11.05 18.94
CA ARG A 5 4.28 9.91 18.08
C ARG A 5 3.64 8.63 18.60
N THR A 6 2.87 8.74 19.69
CA THR A 6 2.18 7.59 20.24
C THR A 6 0.87 8.02 20.86
N VAL A 7 -0.04 7.06 20.98
CA VAL A 7 -1.34 7.30 21.61
C VAL A 7 -1.59 6.06 22.46
N ASN A 8 -2.46 6.17 23.44
CA ASN A 8 -2.75 5.03 24.28
C ASN A 8 -4.09 4.40 23.94
N LEU A 9 -4.16 3.10 24.15
CA LEU A 9 -5.37 2.35 23.96
C LEU A 9 -5.60 1.81 25.38
N LYS A 10 -6.52 2.45 26.10
CA LYS A 10 -6.80 2.07 27.48
C LYS A 10 -5.54 2.14 28.32
N GLY A 11 -4.78 3.22 28.16
CA GLY A 11 -3.56 3.40 28.93
C GLY A 11 -2.33 2.69 28.41
N ASN A 12 -2.49 1.84 27.39
CA ASN A 12 -1.36 1.11 26.83
C ASN A 12 -0.91 1.80 25.55
N PRO A 13 0.36 2.24 25.51
CA PRO A 13 0.94 2.95 24.36
C PRO A 13 1.05 2.18 23.03
N VAL A 14 0.68 2.86 21.96
CA VAL A 14 0.75 2.29 20.61
C VAL A 14 1.43 3.35 19.74
N THR A 15 2.48 2.94 19.04
CA THR A 15 3.23 3.86 18.20
C THR A 15 2.53 4.21 16.89
N LEU A 16 2.73 5.44 16.44
CA LEU A 16 2.14 5.91 15.20
C LEU A 16 3.22 5.97 14.13
N VAL A 17 2.80 5.91 12.87
CA VAL A 17 3.73 5.99 11.76
C VAL A 17 3.98 7.48 11.52
N GLY A 18 5.23 7.83 11.20
CA GLY A 18 5.56 9.22 10.96
C GLY A 18 5.04 9.69 9.62
N PRO A 19 5.20 10.98 9.28
CA PRO A 19 5.85 12.00 10.09
C PRO A 19 4.89 12.73 11.03
N GLU A 20 5.47 13.43 12.00
CA GLU A 20 4.68 14.19 12.96
C GLU A 20 4.44 15.57 12.36
N LEU A 21 3.17 15.95 12.22
CA LEU A 21 2.83 17.26 11.68
C LEU A 21 2.79 18.27 12.80
N LYS A 22 3.28 19.47 12.52
CA LYS A 22 3.30 20.52 13.53
C LYS A 22 2.70 21.80 12.97
N VAL A 23 2.23 22.67 13.86
CA VAL A 23 1.66 23.94 13.44
C VAL A 23 2.74 24.68 12.66
N GLY A 24 2.36 25.20 11.49
CA GLY A 24 3.33 25.91 10.66
C GLY A 24 3.66 25.13 9.40
N ASP A 25 3.49 23.81 9.46
CA ASP A 25 3.77 22.95 8.31
C ASP A 25 2.69 23.14 7.26
N ARG A 26 3.02 22.84 6.01
CA ARG A 26 2.02 22.94 4.96
C ARG A 26 1.18 21.68 5.12
N ALA A 27 -0.13 21.83 4.98
CA ALA A 27 -1.05 20.71 5.12
C ALA A 27 -1.02 19.82 3.89
N PRO A 28 -0.57 18.56 4.04
CA PRO A 28 -0.51 17.66 2.89
C PRO A 28 -1.91 17.41 2.32
N GLU A 29 -2.00 17.17 1.03
CA GLU A 29 -3.28 16.89 0.42
C GLU A 29 -3.56 15.40 0.54
N ALA A 30 -4.80 15.07 0.85
CA ALA A 30 -5.19 13.68 0.97
C ALA A 30 -6.37 13.51 0.02
N VAL A 31 -6.26 12.54 -0.88
CA VAL A 31 -7.30 12.24 -1.84
C VAL A 31 -8.21 11.21 -1.18
N VAL A 32 -9.38 11.65 -0.75
CA VAL A 32 -10.31 10.76 -0.07
C VAL A 32 -11.57 10.51 -0.89
N VAL A 33 -12.37 9.55 -0.44
CA VAL A 33 -13.59 9.20 -1.19
C VAL A 33 -14.85 9.40 -0.38
N THR A 34 -15.79 10.17 -0.92
CA THR A 34 -17.04 10.44 -0.23
C THR A 34 -18.05 9.30 -0.40
N LYS A 35 -19.15 9.36 0.33
CA LYS A 35 -20.15 8.31 0.28
C LYS A 35 -20.77 8.09 -1.08
N ASP A 36 -20.63 9.06 -1.98
CA ASP A 36 -21.16 8.93 -3.34
C ASP A 36 -20.10 8.37 -4.26
N LEU A 37 -18.95 8.00 -3.67
CA LEU A 37 -17.82 7.44 -4.41
C LEU A 37 -17.03 8.43 -5.25
N GLN A 38 -17.27 9.72 -5.02
CA GLN A 38 -16.51 10.74 -5.75
C GLN A 38 -15.26 11.01 -4.93
N GLU A 39 -14.21 11.51 -5.57
CA GLU A 39 -13.00 11.81 -4.83
C GLU A 39 -12.97 13.27 -4.45
N LYS A 40 -12.49 13.54 -3.24
CA LYS A 40 -12.40 14.89 -2.72
C LYS A 40 -10.99 15.09 -2.19
N ILE A 41 -10.49 16.30 -2.29
CA ILE A 41 -9.15 16.62 -1.79
C ILE A 41 -9.24 17.45 -0.52
N VAL A 42 -8.66 16.92 0.56
CA VAL A 42 -8.63 17.66 1.82
C VAL A 42 -7.17 18.07 2.00
N GLY A 43 -6.94 19.16 2.73
CA GLY A 43 -5.58 19.61 2.91
C GLY A 43 -5.20 20.62 1.85
N GLY A 44 -3.96 21.06 1.83
CA GLY A 44 -3.55 22.04 0.84
C GLY A 44 -4.23 23.36 1.15
N ALA A 45 -4.07 24.33 0.25
CA ALA A 45 -4.67 25.66 0.44
C ALA A 45 -5.99 25.82 -0.31
N LYS A 46 -7.03 26.23 0.42
CA LYS A 46 -8.35 26.44 -0.16
C LYS A 46 -8.81 27.84 0.27
N ASP A 47 -9.96 28.29 -0.25
CA ASP A 47 -10.46 29.61 0.12
C ASP A 47 -11.32 29.57 1.38
N VAL A 48 -11.22 28.48 2.13
CA VAL A 48 -11.98 28.34 3.37
C VAL A 48 -11.12 27.66 4.43
N VAL A 49 -11.57 27.74 5.67
CA VAL A 49 -10.86 27.12 6.78
C VAL A 49 -11.20 25.65 6.70
N GLN A 50 -10.22 24.78 6.96
CA GLN A 50 -10.47 23.35 6.91
C GLN A 50 -10.30 22.73 8.28
N VAL A 51 -11.24 21.86 8.63
CA VAL A 51 -11.18 21.14 9.90
C VAL A 51 -11.21 19.66 9.52
N ILE A 52 -10.08 18.99 9.70
CA ILE A 52 -9.97 17.58 9.36
C ILE A 52 -9.97 16.77 10.65
N ILE A 53 -10.97 15.90 10.78
CA ILE A 53 -11.12 15.07 11.98
C ILE A 53 -10.95 13.60 11.64
N THR A 54 -9.88 12.99 12.16
CA THR A 54 -9.63 11.58 11.90
C THR A 54 -10.15 10.71 13.04
N VAL A 55 -10.72 9.57 12.68
CA VAL A 55 -11.26 8.64 13.66
C VAL A 55 -10.97 7.20 13.22
N PRO A 56 -10.88 6.28 14.19
CA PRO A 56 -10.61 4.87 13.92
C PRO A 56 -11.71 4.25 13.05
N SER A 57 -12.96 4.49 13.41
CA SER A 57 -14.09 3.97 12.65
C SER A 57 -15.43 4.53 13.12
N LEU A 58 -16.26 4.92 12.16
CA LEU A 58 -17.57 5.46 12.46
C LEU A 58 -18.49 4.36 12.99
N ASP A 59 -18.07 3.11 12.84
CA ASP A 59 -18.86 1.98 13.31
C ASP A 59 -18.55 1.62 14.77
N THR A 60 -18.10 2.61 15.53
CA THR A 60 -17.80 2.40 16.94
C THR A 60 -18.52 3.48 17.72
N PRO A 61 -18.97 3.17 18.95
CA PRO A 61 -19.68 4.10 19.82
C PRO A 61 -19.09 5.50 19.93
N VAL A 62 -17.86 5.59 20.43
CA VAL A 62 -17.19 6.87 20.61
C VAL A 62 -17.13 7.71 19.33
N CYS A 63 -16.72 7.09 18.23
CA CYS A 63 -16.61 7.79 16.97
C CYS A 63 -17.96 8.36 16.53
N GLU A 64 -19.05 7.61 16.77
CA GLU A 64 -20.38 8.09 16.39
C GLU A 64 -20.74 9.33 17.19
N THR A 65 -20.48 9.27 18.50
CA THR A 65 -20.77 10.37 19.41
C THR A 65 -20.03 11.65 19.00
N GLU A 66 -18.74 11.51 18.70
CA GLU A 66 -17.92 12.64 18.31
C GLU A 66 -18.41 13.28 17.00
N THR A 67 -18.77 12.45 16.04
CA THR A 67 -19.23 12.94 14.75
C THR A 67 -20.51 13.78 14.89
N LYS A 68 -21.47 13.27 15.65
CA LYS A 68 -22.72 13.98 15.86
C LYS A 68 -22.44 15.30 16.59
N LYS A 69 -21.53 15.25 17.55
CA LYS A 69 -21.15 16.42 18.33
C LYS A 69 -20.57 17.54 17.45
N PHE A 70 -19.56 17.21 16.65
CA PHE A 70 -18.95 18.21 15.78
C PHE A 70 -19.97 18.74 14.78
N ASN A 71 -20.88 17.88 14.35
CA ASN A 71 -21.92 18.25 13.39
C ASN A 71 -22.88 19.23 14.04
N GLU A 72 -22.73 19.42 15.34
CA GLU A 72 -23.60 20.32 16.11
C GLU A 72 -22.95 21.69 16.34
N ILE A 73 -21.74 21.69 16.88
CA ILE A 73 -21.04 22.94 17.17
C ILE A 73 -20.55 23.71 15.94
N MET A 74 -20.39 23.02 14.81
CA MET A 74 -19.92 23.68 13.59
C MET A 74 -21.07 24.11 12.67
N ALA A 75 -22.30 23.94 13.15
CA ALA A 75 -23.46 24.32 12.35
C ALA A 75 -23.53 25.83 12.09
N GLY A 76 -24.02 26.19 10.90
CA GLY A 76 -24.15 27.59 10.54
C GLY A 76 -22.84 28.33 10.34
N MET A 77 -21.73 27.70 10.67
CA MET A 77 -20.43 28.34 10.50
C MET A 77 -20.02 28.35 9.04
N GLU A 78 -20.08 29.53 8.43
CA GLU A 78 -19.72 29.68 7.01
C GLU A 78 -18.22 29.93 6.85
N GLY A 79 -17.70 29.55 5.69
CA GLY A 79 -16.29 29.76 5.42
C GLY A 79 -15.42 28.67 6.02
N VAL A 80 -16.01 27.53 6.34
CA VAL A 80 -15.27 26.42 6.92
C VAL A 80 -15.80 25.05 6.46
N ASP A 81 -14.89 24.21 5.98
CA ASP A 81 -15.25 22.88 5.53
C ASP A 81 -14.77 21.88 6.57
N VAL A 82 -15.69 21.06 7.06
CA VAL A 82 -15.37 20.06 8.08
C VAL A 82 -15.52 18.66 7.50
N THR A 83 -14.46 17.87 7.61
CA THR A 83 -14.48 16.52 7.08
C THR A 83 -14.02 15.52 8.14
N VAL A 84 -14.81 14.47 8.34
CA VAL A 84 -14.43 13.40 9.27
C VAL A 84 -13.86 12.30 8.39
N VAL A 85 -12.61 11.93 8.63
CA VAL A 85 -11.94 10.92 7.80
C VAL A 85 -11.60 9.65 8.59
N SER A 86 -11.78 8.50 7.95
CA SER A 86 -11.46 7.22 8.58
C SER A 86 -11.16 6.19 7.50
N MET A 87 -10.73 5.01 7.91
CA MET A 87 -10.44 3.96 6.94
C MET A 87 -11.68 3.14 6.60
N ASP A 88 -12.85 3.54 7.12
CA ASP A 88 -14.08 2.83 6.82
C ASP A 88 -14.28 2.97 5.31
N LEU A 89 -14.89 1.97 4.67
CA LEU A 89 -15.15 2.08 3.24
C LEU A 89 -16.30 3.07 3.09
N PRO A 90 -16.43 3.69 1.91
CA PRO A 90 -17.53 4.65 1.71
C PRO A 90 -18.90 4.05 2.04
N PHE A 91 -19.07 2.75 1.77
CA PHE A 91 -20.34 2.08 2.01
C PHE A 91 -20.80 2.13 3.47
N ALA A 92 -19.85 2.06 4.39
CA ALA A 92 -20.18 2.11 5.81
C ALA A 92 -20.50 3.54 6.22
N GLN A 93 -19.79 4.49 5.60
CA GLN A 93 -20.01 5.90 5.91
C GLN A 93 -21.33 6.37 5.35
N LYS A 94 -21.74 5.76 4.25
CA LYS A 94 -23.01 6.11 3.62
C LYS A 94 -24.12 5.63 4.54
N ARG A 95 -23.96 4.41 5.04
CA ARG A 95 -24.92 3.81 5.96
C ARG A 95 -25.00 4.63 7.24
N PHE A 96 -23.85 5.17 7.65
CA PHE A 96 -23.76 5.99 8.85
C PHE A 96 -24.56 7.28 8.68
N CYS A 97 -24.41 7.91 7.51
CA CYS A 97 -25.12 9.15 7.22
C CYS A 97 -26.62 8.96 7.02
N GLU A 98 -27.02 7.76 6.65
CA GLU A 98 -28.44 7.47 6.46
C GLU A 98 -29.09 7.17 7.80
N SER A 99 -28.28 6.74 8.77
CA SER A 99 -28.79 6.42 10.09
C SER A 99 -28.85 7.67 10.97
N PHE A 100 -27.87 8.55 10.80
CA PHE A 100 -27.81 9.78 11.58
C PHE A 100 -27.81 11.00 10.66
N ASN A 101 -28.82 11.84 10.81
CA ASN A 101 -28.93 13.05 10.01
C ASN A 101 -27.73 13.96 10.21
N ILE A 102 -26.74 13.83 9.31
CA ILE A 102 -25.53 14.63 9.37
C ILE A 102 -25.49 15.56 8.16
N GLN A 103 -25.71 16.85 8.39
CA GLN A 103 -25.71 17.81 7.29
C GLN A 103 -24.80 19.01 7.52
N ASN A 104 -23.92 18.93 8.51
CA ASN A 104 -23.01 20.04 8.78
C ASN A 104 -21.56 19.63 8.61
N VAL A 105 -21.32 18.34 8.38
CA VAL A 105 -19.96 17.84 8.18
C VAL A 105 -19.95 16.78 7.10
N THR A 106 -18.83 16.68 6.39
CA THR A 106 -18.68 15.69 5.33
C THR A 106 -17.84 14.54 5.84
N VAL A 107 -18.25 13.31 5.52
CA VAL A 107 -17.47 12.15 5.93
C VAL A 107 -16.78 11.62 4.69
N ALA A 108 -15.54 11.15 4.85
CA ALA A 108 -14.80 10.62 3.72
C ALA A 108 -13.90 9.49 4.14
N SER A 109 -13.64 8.57 3.21
CA SER A 109 -12.80 7.41 3.44
C SER A 109 -11.39 7.57 2.87
N ASP A 110 -10.39 7.11 3.60
CA ASP A 110 -9.01 7.20 3.12
C ASP A 110 -8.50 5.80 2.73
N PHE A 111 -9.43 4.89 2.45
CA PHE A 111 -9.06 3.52 2.10
C PHE A 111 -8.23 3.38 0.83
N ARG A 112 -8.52 4.22 -0.16
CA ARG A 112 -7.84 4.11 -1.46
C ARG A 112 -6.35 4.40 -1.50
N TYR A 113 -5.92 5.51 -0.90
CA TYR A 113 -4.52 5.89 -0.93
C TYR A 113 -3.86 5.98 0.43
N ARG A 114 -4.67 5.96 1.48
CA ARG A 114 -4.18 6.07 2.85
C ARG A 114 -3.26 7.29 2.97
N ASP A 115 -3.74 8.40 2.42
CA ASP A 115 -2.97 9.64 2.46
C ASP A 115 -2.84 10.23 3.86
N MET A 116 -3.71 9.84 4.78
CA MET A 116 -3.62 10.40 6.13
C MET A 116 -2.36 9.93 6.87
N GLU A 117 -1.60 9.04 6.24
CA GLU A 117 -0.34 8.60 6.86
C GLU A 117 0.54 9.84 6.89
N LYS A 118 0.30 10.73 5.93
CA LYS A 118 1.05 11.97 5.82
C LYS A 118 0.77 12.94 6.95
N TYR A 119 -0.28 12.67 7.71
CA TYR A 119 -0.65 13.51 8.85
C TYR A 119 -0.15 12.92 10.17
N GLY A 120 0.57 11.80 10.06
CA GLY A 120 1.13 11.16 11.24
C GLY A 120 0.14 10.50 12.18
N VAL A 121 -1.02 10.11 11.67
CA VAL A 121 -2.04 9.48 12.50
C VAL A 121 -2.30 8.00 12.18
N LEU A 122 -1.52 7.42 11.28
CA LEU A 122 -1.70 6.01 10.96
C LEU A 122 -1.11 5.19 12.11
N ILE A 123 -1.91 4.30 12.68
CA ILE A 123 -1.45 3.47 13.80
C ILE A 123 -0.50 2.40 13.25
N GLY A 124 0.65 2.24 13.92
CA GLY A 124 1.63 1.27 13.44
C GLY A 124 1.83 -0.04 14.18
N GLU A 125 1.05 -0.29 15.23
CA GLU A 125 1.20 -1.53 15.98
C GLU A 125 -0.07 -1.89 16.74
N GLY A 126 -0.16 -3.15 17.17
CA GLY A 126 -1.32 -3.57 17.93
C GLY A 126 -2.51 -4.00 17.10
N ALA A 127 -3.61 -4.29 17.77
CA ALA A 127 -4.82 -4.73 17.10
C ALA A 127 -5.40 -3.71 16.12
N LEU A 128 -5.07 -2.42 16.31
CA LEU A 128 -5.60 -1.39 15.43
C LEU A 128 -4.62 -0.91 14.36
N LYS A 129 -3.52 -1.63 14.17
CA LYS A 129 -2.56 -1.25 13.15
C LYS A 129 -3.26 -1.09 11.80
N GLY A 130 -2.99 -0.01 11.09
CA GLY A 130 -3.61 0.16 9.80
C GLY A 130 -4.77 1.14 9.76
N ILE A 131 -5.33 1.49 10.92
CA ILE A 131 -6.41 2.47 10.92
C ILE A 131 -5.91 3.79 11.52
N LEU A 132 -6.75 4.83 11.45
CA LEU A 132 -6.35 6.16 11.93
C LEU A 132 -6.60 6.45 13.42
N ALA A 133 -5.65 7.14 14.04
CA ALA A 133 -5.79 7.54 15.43
C ALA A 133 -6.78 8.71 15.48
N ARG A 134 -7.29 9.02 16.66
CA ARG A 134 -8.25 10.11 16.82
C ARG A 134 -7.50 11.43 16.92
N ALA A 135 -7.76 12.34 15.99
CA ALA A 135 -7.09 13.63 15.97
C ALA A 135 -7.93 14.69 15.28
N VAL A 136 -7.52 15.94 15.44
CA VAL A 136 -8.21 17.06 14.81
C VAL A 136 -7.16 18.02 14.27
N PHE A 137 -7.34 18.44 13.02
CA PHE A 137 -6.42 19.36 12.39
C PHE A 137 -7.22 20.55 11.87
N ILE A 138 -6.62 21.73 11.94
CA ILE A 138 -7.24 22.93 11.41
C ILE A 138 -6.25 23.54 10.44
N ILE A 139 -6.68 23.75 9.21
CA ILE A 139 -5.83 24.30 8.16
C ILE A 139 -6.32 25.71 7.80
N ASP A 140 -5.41 26.68 7.75
CA ASP A 140 -5.82 28.04 7.39
C ASP A 140 -5.96 28.17 5.88
N LYS A 141 -6.44 29.32 5.43
CA LYS A 141 -6.65 29.56 4.00
C LYS A 141 -5.37 29.49 3.18
N GLU A 142 -4.23 29.63 3.83
CA GLU A 142 -2.95 29.58 3.14
C GLU A 142 -2.45 28.14 3.03
N GLY A 143 -3.26 27.20 3.50
CA GLY A 143 -2.89 25.80 3.44
C GLY A 143 -1.86 25.36 4.47
N LYS A 144 -1.73 26.12 5.54
CA LYS A 144 -0.77 25.78 6.59
C LYS A 144 -1.49 25.20 7.80
N VAL A 145 -0.84 24.31 8.52
CA VAL A 145 -1.43 23.72 9.71
C VAL A 145 -1.41 24.80 10.79
N ALA A 146 -2.59 25.16 11.28
CA ALA A 146 -2.71 26.20 12.31
C ALA A 146 -3.11 25.62 13.66
N TYR A 147 -3.47 24.34 13.69
CA TYR A 147 -3.89 23.71 14.94
C TYR A 147 -3.79 22.19 14.83
N VAL A 148 -3.37 21.56 15.91
CA VAL A 148 -3.24 20.11 15.95
C VAL A 148 -3.64 19.56 17.32
N GLN A 149 -4.48 18.54 17.32
CA GLN A 149 -4.90 17.91 18.56
C GLN A 149 -4.98 16.40 18.40
N LEU A 150 -4.11 15.69 19.11
CA LEU A 150 -4.08 14.24 19.07
C LEU A 150 -4.63 13.77 20.40
N VAL A 151 -5.76 13.07 20.39
CA VAL A 151 -6.36 12.59 21.62
C VAL A 151 -5.46 11.51 22.23
N PRO A 152 -4.88 11.79 23.42
CA PRO A 152 -3.98 10.85 24.12
C PRO A 152 -4.52 9.45 24.35
N GLU A 153 -5.83 9.34 24.55
CA GLU A 153 -6.49 8.06 24.75
C GLU A 153 -7.44 7.91 23.56
N ILE A 154 -7.09 7.03 22.64
CA ILE A 154 -7.89 6.82 21.44
C ILE A 154 -9.37 6.50 21.67
N THR A 155 -9.68 5.91 22.83
CA THR A 155 -11.06 5.56 23.14
C THR A 155 -11.90 6.73 23.67
N GLU A 156 -11.27 7.89 23.84
CA GLU A 156 -11.98 9.05 24.37
C GLU A 156 -12.28 10.11 23.32
N GLU A 157 -13.20 11.01 23.64
CA GLU A 157 -13.57 12.08 22.74
C GLU A 157 -12.52 13.18 22.85
N PRO A 158 -12.42 14.05 21.83
CA PRO A 158 -11.42 15.13 21.88
C PRO A 158 -11.97 16.33 22.63
N ASN A 159 -11.15 17.37 22.76
CA ASN A 159 -11.57 18.60 23.42
C ASN A 159 -12.18 19.46 22.32
N TYR A 160 -13.50 19.54 22.34
CA TYR A 160 -14.28 20.26 21.34
C TYR A 160 -14.16 21.78 21.29
N ASP A 161 -14.41 22.44 22.42
CA ASP A 161 -14.37 23.89 22.51
C ASP A 161 -13.12 24.58 21.97
N GLU A 162 -11.94 24.08 22.29
CA GLU A 162 -10.72 24.70 21.81
C GLU A 162 -10.60 24.63 20.29
N VAL A 163 -11.31 23.70 19.67
CA VAL A 163 -11.26 23.56 18.21
C VAL A 163 -12.09 24.68 17.58
N VAL A 164 -13.31 24.85 18.10
CA VAL A 164 -14.21 25.88 17.59
C VAL A 164 -13.69 27.30 17.85
N ASN A 165 -12.96 27.47 18.94
CA ASN A 165 -12.43 28.79 19.26
C ASN A 165 -11.26 29.17 18.36
N LYS A 166 -10.51 28.17 17.91
CA LYS A 166 -9.37 28.41 17.04
C LYS A 166 -9.81 28.73 15.62
N VAL A 167 -10.85 28.04 15.14
CA VAL A 167 -11.34 28.27 13.80
C VAL A 167 -11.88 29.69 13.66
N LYS A 168 -12.42 30.23 14.74
CA LYS A 168 -12.96 31.59 14.72
C LYS A 168 -11.85 32.61 14.54
N GLU A 169 -10.72 32.40 15.20
CA GLU A 169 -9.59 33.31 15.08
C GLU A 169 -9.13 33.37 13.63
N LEU A 170 -9.33 32.27 12.91
CA LEU A 170 -8.94 32.17 11.51
C LEU A 170 -10.05 32.62 10.56
N GLY B 1 -1.96 5.52 -27.97
CA GLY B 1 -0.71 5.57 -27.16
C GLY B 1 -0.57 6.86 -26.38
N HIS B 2 -0.59 7.98 -27.10
CA HIS B 2 -0.48 9.32 -26.51
C HIS B 2 -1.06 9.38 -25.10
N MET B 3 -2.20 8.74 -24.91
CA MET B 3 -2.85 8.66 -23.60
C MET B 3 -3.85 7.51 -23.63
N ALA B 4 -3.70 6.58 -22.69
CA ALA B 4 -4.58 5.43 -22.64
C ALA B 4 -4.50 4.72 -21.30
N ARG B 5 -5.22 3.60 -21.19
CA ARG B 5 -5.26 2.81 -19.97
C ARG B 5 -4.44 1.53 -20.13
N THR B 6 -3.77 1.39 -21.27
CA THR B 6 -2.94 0.22 -21.51
C THR B 6 -1.75 0.59 -22.38
N VAL B 7 -0.65 -0.12 -22.18
CA VAL B 7 0.55 0.10 -22.96
C VAL B 7 1.07 -1.28 -23.33
N ASN B 8 2.14 -1.33 -24.10
CA ASN B 8 2.70 -2.62 -24.48
C ASN B 8 4.08 -2.79 -23.89
N LEU B 9 4.43 -4.04 -23.61
CA LEU B 9 5.75 -4.39 -23.10
C LEU B 9 6.24 -5.46 -24.06
N LYS B 10 7.20 -5.11 -24.89
CA LYS B 10 7.74 -6.04 -25.87
C LYS B 10 6.61 -6.63 -26.71
N GLY B 11 5.65 -5.79 -27.08
CA GLY B 11 4.54 -6.23 -27.90
C GLY B 11 3.32 -6.80 -27.21
N ASN B 12 3.42 -7.09 -25.92
CA ASN B 12 2.29 -7.64 -25.18
C ASN B 12 1.58 -6.55 -24.37
N PRO B 13 0.24 -6.52 -24.44
CA PRO B 13 -0.55 -5.53 -23.70
C PRO B 13 -0.38 -5.63 -22.20
N VAL B 14 -0.31 -4.48 -21.57
CA VAL B 14 -0.13 -4.34 -20.12
C VAL B 14 -1.13 -3.29 -19.68
N THR B 15 -2.04 -3.65 -18.77
CA THR B 15 -3.03 -2.68 -18.32
C THR B 15 -2.46 -1.82 -17.19
N LEU B 16 -2.92 -0.58 -17.13
CA LEU B 16 -2.48 0.36 -16.12
C LEU B 16 -3.57 0.55 -15.08
N VAL B 17 -3.17 0.94 -13.87
CA VAL B 17 -4.12 1.19 -12.79
C VAL B 17 -4.67 2.59 -13.04
N GLY B 18 -5.97 2.77 -12.85
CA GLY B 18 -6.58 4.07 -13.06
C GLY B 18 -6.24 5.03 -11.93
N PRO B 19 -6.72 6.29 -12.00
CA PRO B 19 -7.54 6.86 -13.06
C PRO B 19 -6.71 7.34 -14.23
N GLU B 20 -7.33 7.41 -15.40
CA GLU B 20 -6.65 7.91 -16.58
C GLU B 20 -6.74 9.42 -16.48
N LEU B 21 -5.60 10.10 -16.53
CA LEU B 21 -5.59 11.55 -16.43
C LEU B 21 -5.79 12.19 -17.79
N LYS B 22 -6.59 13.24 -17.83
CA LYS B 22 -6.86 13.93 -19.08
C LYS B 22 -6.51 15.40 -19.00
N VAL B 23 -6.19 16.00 -20.14
CA VAL B 23 -5.85 17.41 -20.19
C VAL B 23 -7.00 18.17 -19.54
N GLY B 24 -6.66 19.14 -18.69
CA GLY B 24 -7.69 19.91 -18.02
C GLY B 24 -7.93 19.45 -16.59
N ASP B 25 -7.53 18.22 -16.27
CA ASP B 25 -7.71 17.69 -14.91
C ASP B 25 -6.69 18.35 -13.99
N ARG B 26 -7.03 18.46 -12.71
CA ARG B 26 -6.07 19.03 -11.75
C ARG B 26 -4.98 17.98 -11.61
N ALA B 27 -3.73 18.43 -11.55
CA ALA B 27 -2.61 17.52 -11.41
C ALA B 27 -2.50 17.12 -9.94
N PRO B 28 -2.66 15.82 -9.64
CA PRO B 28 -2.56 15.41 -8.23
C PRO B 28 -1.19 15.71 -7.65
N GLU B 29 -1.12 15.97 -6.34
CA GLU B 29 0.17 16.20 -5.73
C GLU B 29 0.78 14.84 -5.40
N ALA B 30 2.08 14.72 -5.59
CA ALA B 30 2.77 13.47 -5.29
C ALA B 30 3.91 13.81 -4.35
N VAL B 31 3.91 13.17 -3.18
CA VAL B 31 4.96 13.40 -2.21
C VAL B 31 6.06 12.41 -2.52
N VAL B 32 7.12 12.87 -3.16
CA VAL B 32 8.23 12.01 -3.53
C VAL B 32 9.49 12.28 -2.71
N VAL B 33 10.48 11.40 -2.83
CA VAL B 33 11.72 11.51 -2.06
C VAL B 33 12.95 11.70 -2.95
N THR B 34 13.73 12.76 -2.70
CA THR B 34 14.92 13.03 -3.51
C THR B 34 16.13 12.22 -3.02
N LYS B 35 17.23 12.28 -3.77
CA LYS B 35 18.42 11.52 -3.43
C LYS B 35 19.02 11.79 -2.06
N ASP B 36 18.68 12.94 -1.46
CA ASP B 36 19.20 13.28 -0.14
C ASP B 36 18.19 12.91 0.94
N LEU B 37 17.19 12.11 0.54
CA LEU B 37 16.15 11.63 1.44
C LEU B 37 15.19 12.71 1.94
N GLN B 38 15.17 13.85 1.27
CA GLN B 38 14.24 14.92 1.64
C GLN B 38 12.99 14.66 0.79
N GLU B 39 11.84 15.10 1.29
CA GLU B 39 10.63 14.91 0.51
C GLU B 39 10.35 16.20 -0.24
N LYS B 40 9.71 16.07 -1.39
CA LYS B 40 9.35 17.22 -2.21
C LYS B 40 8.00 16.92 -2.82
N ILE B 41 7.25 17.97 -3.14
CA ILE B 41 5.92 17.84 -3.71
C ILE B 41 5.92 18.20 -5.19
N VAL B 42 5.45 17.29 -6.03
CA VAL B 42 5.34 17.58 -7.46
C VAL B 42 3.84 17.56 -7.74
N GLY B 43 3.38 18.31 -8.73
CA GLY B 43 1.96 18.35 -9.00
C GLY B 43 1.33 19.53 -8.29
N GLY B 44 0.02 19.65 -8.37
CA GLY B 44 -0.63 20.79 -7.75
C GLY B 44 -0.21 22.04 -8.51
N ALA B 45 -0.61 23.21 -8.03
CA ALA B 45 -0.26 24.47 -8.67
C ALA B 45 1.01 25.07 -8.09
N LYS B 46 1.93 25.46 -8.96
CA LYS B 46 3.19 26.07 -8.55
C LYS B 46 3.43 27.31 -9.43
N ASP B 47 4.32 28.20 -8.98
CA ASP B 47 4.61 29.41 -9.73
C ASP B 47 5.47 29.14 -10.97
N VAL B 48 5.60 27.86 -11.33
CA VAL B 48 6.38 27.49 -12.49
C VAL B 48 5.68 26.35 -13.20
N VAL B 49 6.04 26.13 -14.46
CA VAL B 49 5.47 25.04 -15.23
C VAL B 49 6.22 23.80 -14.77
N GLN B 50 5.50 22.69 -14.62
CA GLN B 50 6.15 21.45 -14.17
C GLN B 50 6.12 20.40 -15.26
N VAL B 51 7.23 19.68 -15.37
CA VAL B 51 7.32 18.58 -16.33
C VAL B 51 7.64 17.38 -15.46
N ILE B 52 6.70 16.43 -15.41
CA ILE B 52 6.87 15.23 -14.61
C ILE B 52 7.07 14.06 -15.55
N ILE B 53 8.24 13.44 -15.45
CA ILE B 53 8.60 12.32 -16.31
C ILE B 53 8.67 11.04 -15.50
N THR B 54 7.84 10.06 -15.85
CA THR B 54 7.85 8.80 -15.12
C THR B 54 8.58 7.74 -15.91
N VAL B 55 9.39 6.94 -15.23
CA VAL B 55 10.11 5.87 -15.91
C VAL B 55 10.09 4.63 -15.03
N PRO B 56 10.17 3.44 -15.65
CA PRO B 56 10.16 2.23 -14.82
C PRO B 56 11.35 2.13 -13.88
N SER B 57 12.55 2.42 -14.36
CA SER B 57 13.74 2.36 -13.51
C SER B 57 15.00 2.97 -14.13
N LEU B 58 15.69 3.80 -13.35
CA LEU B 58 16.92 4.44 -13.83
C LEU B 58 18.03 3.41 -13.99
N ASP B 59 17.80 2.22 -13.47
CA ASP B 59 18.79 1.14 -13.57
C ASP B 59 18.55 0.31 -14.82
N THR B 60 17.78 0.85 -15.77
CA THR B 60 17.51 0.17 -17.03
C THR B 60 17.97 1.08 -18.17
N PRO B 61 18.50 0.49 -19.25
CA PRO B 61 19.02 1.20 -20.44
C PRO B 61 18.18 2.34 -21.00
N VAL B 62 16.95 2.05 -21.40
CA VAL B 62 16.09 3.10 -21.97
C VAL B 62 15.88 4.26 -21.03
N CYS B 63 15.53 3.98 -19.78
CA CYS B 63 15.29 5.02 -18.80
C CYS B 63 16.52 5.86 -18.59
N GLU B 64 17.69 5.22 -18.60
CA GLU B 64 18.95 5.93 -18.42
C GLU B 64 19.14 6.92 -19.56
N THR B 65 18.98 6.42 -20.78
CA THR B 65 19.14 7.22 -21.99
C THR B 65 18.16 8.39 -21.99
N GLU B 66 16.90 8.12 -21.64
CA GLU B 66 15.86 9.14 -21.61
C GLU B 66 16.17 10.28 -20.64
N THR B 67 16.56 9.94 -19.42
CA THR B 67 16.86 10.95 -18.42
C THR B 67 18.04 11.83 -18.87
N LYS B 68 19.06 11.20 -19.43
CA LYS B 68 20.22 11.94 -19.92
C LYS B 68 19.80 12.93 -20.99
N LYS B 69 18.88 12.50 -21.85
CA LYS B 69 18.37 13.33 -22.94
C LYS B 69 17.63 14.56 -22.42
N PHE B 70 16.63 14.35 -21.57
CA PHE B 70 15.87 15.46 -21.01
C PHE B 70 16.77 16.39 -20.20
N ASN B 71 17.79 15.83 -19.56
CA ASN B 71 18.72 16.62 -18.75
C ASN B 71 19.47 17.61 -19.63
N GLU B 72 19.72 17.20 -20.87
CA GLU B 72 20.44 18.05 -21.82
C GLU B 72 19.51 19.00 -22.57
N ILE B 73 18.32 18.51 -22.92
CA ILE B 73 17.34 19.30 -23.66
C ILE B 73 16.66 20.41 -22.87
N MET B 74 16.46 20.20 -21.57
CA MET B 74 15.81 21.21 -20.73
C MET B 74 16.80 22.16 -20.08
N ALA B 75 18.09 21.86 -20.24
CA ALA B 75 19.15 22.67 -19.67
C ALA B 75 19.07 24.15 -20.07
N GLY B 76 19.24 25.02 -19.08
CA GLY B 76 19.20 26.45 -19.34
C GLY B 76 17.81 27.05 -19.44
N MET B 77 16.81 26.20 -19.66
CA MET B 77 15.43 26.67 -19.78
C MET B 77 14.94 27.15 -18.43
N GLU B 78 14.43 28.38 -18.38
CA GLU B 78 13.93 28.95 -17.13
C GLU B 78 12.41 29.02 -17.03
N GLY B 79 11.90 28.93 -15.82
CA GLY B 79 10.46 28.98 -15.60
C GLY B 79 9.81 27.61 -15.59
N VAL B 80 10.62 26.56 -15.54
CA VAL B 80 10.09 25.20 -15.53
C VAL B 80 10.89 24.27 -14.63
N ASP B 81 10.18 23.41 -13.91
CA ASP B 81 10.82 22.42 -13.03
C ASP B 81 10.59 21.06 -13.67
N VAL B 82 11.68 20.32 -13.89
CA VAL B 82 11.60 19.00 -14.49
C VAL B 82 11.98 17.93 -13.46
N THR B 83 11.10 16.95 -13.28
CA THR B 83 11.36 15.88 -12.30
C THR B 83 11.15 14.52 -12.93
N VAL B 84 12.16 13.64 -12.82
CA VAL B 84 12.05 12.28 -13.35
C VAL B 84 11.70 11.44 -12.11
N VAL B 85 10.56 10.77 -12.15
CA VAL B 85 10.11 9.98 -11.01
C VAL B 85 10.05 8.48 -11.34
N SER B 86 10.45 7.65 -10.39
CA SER B 86 10.41 6.20 -10.59
C SER B 86 10.21 5.52 -9.24
N MET B 87 10.11 4.19 -9.26
CA MET B 87 9.97 3.45 -8.02
C MET B 87 11.33 3.04 -7.46
N ASP B 88 12.41 3.45 -8.12
CA ASP B 88 13.75 3.13 -7.62
C ASP B 88 13.88 3.76 -6.25
N LEU B 89 14.64 3.12 -5.36
CA LEU B 89 14.84 3.71 -4.05
C LEU B 89 15.79 4.89 -4.24
N PRO B 90 15.74 5.88 -3.34
CA PRO B 90 16.60 7.05 -3.43
C PRO B 90 18.09 6.69 -3.56
N PHE B 91 18.49 5.57 -2.97
CA PHE B 91 19.88 5.13 -3.02
C PHE B 91 20.35 4.80 -4.42
N ALA B 92 19.48 4.19 -5.22
CA ALA B 92 19.82 3.86 -6.60
C ALA B 92 19.88 5.16 -7.39
N GLN B 93 18.94 6.06 -7.10
CA GLN B 93 18.90 7.33 -7.80
C GLN B 93 20.11 8.18 -7.48
N LYS B 94 20.57 8.12 -6.23
CA LYS B 94 21.75 8.88 -5.84
C LYS B 94 22.93 8.36 -6.65
N ARG B 95 23.05 7.05 -6.76
CA ARG B 95 24.14 6.42 -7.50
C ARG B 95 24.10 6.84 -8.97
N PHE B 96 22.89 6.93 -9.52
CA PHE B 96 22.71 7.32 -10.91
C PHE B 96 23.23 8.73 -11.15
N CYS B 97 22.91 9.64 -10.24
CA CYS B 97 23.36 11.04 -10.38
C CYS B 97 24.84 11.24 -10.12
N GLU B 98 25.48 10.24 -9.52
CA GLU B 98 26.92 10.31 -9.25
C GLU B 98 27.65 9.81 -10.48
N SER B 99 27.05 8.83 -11.16
CA SER B 99 27.64 8.26 -12.35
C SER B 99 27.49 9.20 -13.54
N PHE B 100 26.37 9.92 -13.59
CA PHE B 100 26.13 10.84 -14.69
C PHE B 100 25.86 12.25 -14.16
N ASN B 101 26.37 13.24 -14.87
CA ASN B 101 26.19 14.63 -14.46
C ASN B 101 24.78 15.12 -14.79
N ILE B 102 23.87 14.92 -13.85
CA ILE B 102 22.48 15.33 -14.02
C ILE B 102 22.27 16.56 -13.13
N GLN B 103 22.07 17.71 -13.73
CA GLN B 103 21.88 18.94 -12.97
C GLN B 103 20.81 19.88 -13.51
N ASN B 104 20.11 19.44 -14.56
CA ASN B 104 19.07 20.26 -15.16
C ASN B 104 17.70 19.71 -14.82
N VAL B 105 17.68 18.54 -14.19
CA VAL B 105 16.42 17.92 -13.79
C VAL B 105 16.60 17.26 -12.44
N THR B 106 15.50 17.07 -11.72
CA THR B 106 15.55 16.45 -10.40
C THR B 106 15.01 15.04 -10.46
N VAL B 107 15.74 14.08 -9.91
CA VAL B 107 15.25 12.70 -9.90
C VAL B 107 14.60 12.48 -8.54
N ALA B 108 13.49 11.75 -8.52
CA ALA B 108 12.81 11.49 -7.26
C ALA B 108 12.20 10.10 -7.23
N SER B 109 12.05 9.56 -6.02
CA SER B 109 11.48 8.24 -5.83
C SER B 109 10.07 8.31 -5.26
N ASP B 110 9.19 7.47 -5.79
CA ASP B 110 7.80 7.40 -5.35
C ASP B 110 7.56 6.13 -4.52
N PHE B 111 8.64 5.54 -4.01
CA PHE B 111 8.53 4.31 -3.24
C PHE B 111 7.71 4.43 -1.96
N ARG B 112 7.80 5.58 -1.30
CA ARG B 112 7.13 5.78 -0.02
C ARG B 112 5.61 5.81 -0.01
N TYR B 113 5.01 6.57 -0.93
CA TYR B 113 3.56 6.67 -0.97
C TYR B 113 2.91 6.18 -2.26
N ARG B 114 3.73 5.98 -3.29
CA ARG B 114 3.25 5.54 -4.59
C ARG B 114 2.11 6.46 -5.05
N ASP B 115 2.34 7.76 -4.95
CA ASP B 115 1.35 8.76 -5.35
C ASP B 115 1.20 8.83 -6.87
N MET B 116 2.16 8.32 -7.62
CA MET B 116 2.03 8.39 -9.06
C MET B 116 0.89 7.51 -9.59
N GLU B 117 0.31 6.69 -8.72
CA GLU B 117 -0.83 5.86 -9.12
C GLU B 117 -1.95 6.84 -9.49
N LYS B 118 -1.93 8.01 -8.85
CA LYS B 118 -2.92 9.05 -9.08
C LYS B 118 -2.82 9.65 -10.48
N TYR B 119 -1.72 9.34 -11.17
CA TYR B 119 -1.50 9.83 -12.52
C TYR B 119 -1.84 8.77 -13.58
N GLY B 120 -2.30 7.61 -13.13
CA GLY B 120 -2.67 6.54 -14.04
C GLY B 120 -1.54 5.83 -14.76
N VAL B 121 -0.33 5.89 -14.19
CA VAL B 121 0.81 5.25 -14.83
C VAL B 121 1.35 4.05 -14.05
N LEU B 122 0.65 3.65 -12.98
CA LEU B 122 1.10 2.49 -12.22
C LEU B 122 0.72 1.24 -13.03
N ILE B 123 1.71 0.38 -13.29
CA ILE B 123 1.45 -0.83 -14.06
C ILE B 123 0.69 -1.85 -13.22
N GLY B 124 -0.42 -2.34 -13.76
CA GLY B 124 -1.25 -3.28 -13.03
C GLY B 124 -1.14 -4.77 -13.35
N GLU B 125 -0.27 -5.16 -14.27
CA GLU B 125 -0.15 -6.57 -14.61
C GLU B 125 1.19 -6.92 -15.25
N GLY B 126 1.49 -8.21 -15.27
CA GLY B 126 2.73 -8.65 -15.88
C GLY B 126 3.97 -8.54 -15.02
N ALA B 127 5.12 -8.77 -15.65
CA ALA B 127 6.41 -8.73 -14.98
C ALA B 127 6.71 -7.42 -14.29
N LEU B 128 6.22 -6.32 -14.85
CA LEU B 128 6.49 -5.01 -14.27
C LEU B 128 5.36 -4.46 -13.38
N LYS B 129 4.49 -5.32 -12.89
CA LYS B 129 3.41 -4.84 -12.04
C LYS B 129 3.98 -4.10 -10.83
N GLY B 130 3.44 -2.92 -10.52
CA GLY B 130 3.92 -2.16 -9.38
C GLY B 130 4.99 -1.13 -9.70
N ILE B 131 5.40 -1.10 -10.97
CA ILE B 131 6.41 -0.17 -11.46
C ILE B 131 5.68 0.88 -12.31
N LEU B 132 6.32 2.02 -12.55
CA LEU B 132 5.67 3.07 -13.34
C LEU B 132 5.92 2.95 -14.84
N ALA B 133 4.88 3.26 -15.61
CA ALA B 133 4.98 3.23 -17.06
C ALA B 133 5.74 4.48 -17.50
N ARG B 134 6.20 4.50 -18.74
CA ARG B 134 6.96 5.63 -19.26
C ARG B 134 5.99 6.66 -19.78
N ALA B 135 5.99 7.85 -19.17
CA ALA B 135 5.07 8.90 -19.59
C ALA B 135 5.63 10.27 -19.26
N VAL B 136 4.99 11.29 -19.82
CA VAL B 136 5.40 12.66 -19.58
C VAL B 136 4.14 13.49 -19.34
N PHE B 137 4.18 14.34 -18.32
CA PHE B 137 3.07 15.20 -17.99
C PHE B 137 3.59 16.63 -17.88
N ILE B 138 2.83 17.59 -18.40
CA ILE B 138 3.20 18.99 -18.28
C ILE B 138 2.06 19.67 -17.52
N ILE B 139 2.41 20.32 -16.41
CA ILE B 139 1.43 21.00 -15.57
C ILE B 139 1.59 22.51 -15.65
N ASP B 140 0.51 23.24 -15.92
CA ASP B 140 0.61 24.70 -15.98
C ASP B 140 0.59 25.31 -14.59
N LYS B 141 0.74 26.64 -14.51
CA LYS B 141 0.78 27.31 -13.22
C LYS B 141 -0.51 27.22 -12.43
N GLU B 142 -1.61 26.93 -13.10
CA GLU B 142 -2.89 26.80 -12.43
C GLU B 142 -3.02 25.40 -11.82
N GLY B 143 -1.99 24.57 -12.01
CA GLY B 143 -2.02 23.23 -11.47
C GLY B 143 -2.87 22.26 -12.27
N LYS B 144 -3.09 22.59 -13.54
CA LYS B 144 -3.89 21.74 -14.40
C LYS B 144 -3.00 21.01 -15.40
N VAL B 145 -3.41 19.80 -15.77
CA VAL B 145 -2.65 19.02 -16.73
C VAL B 145 -2.86 19.68 -18.09
N ALA B 146 -1.77 20.09 -18.73
CA ALA B 146 -1.83 20.76 -20.02
C ALA B 146 -1.43 19.85 -21.16
N TYR B 147 -0.72 18.78 -20.82
CA TYR B 147 -0.23 17.85 -21.81
C TYR B 147 0.05 16.48 -21.19
N VAL B 148 -0.24 15.43 -21.96
CA VAL B 148 0.03 14.09 -21.51
C VAL B 148 0.62 13.28 -22.65
N GLN B 149 1.61 12.46 -22.35
CA GLN B 149 2.20 11.60 -23.35
C GLN B 149 2.51 10.28 -22.68
N LEU B 150 1.76 9.25 -23.06
CA LEU B 150 1.99 7.91 -22.53
C LEU B 150 2.65 7.17 -23.68
N VAL B 151 3.91 6.76 -23.50
CA VAL B 151 4.60 6.03 -24.55
C VAL B 151 3.91 4.69 -24.73
N PRO B 152 3.40 4.40 -25.93
CA PRO B 152 2.69 3.15 -26.27
C PRO B 152 3.45 1.85 -25.98
N GLU B 153 4.77 1.90 -26.10
CA GLU B 153 5.62 0.74 -25.84
C GLU B 153 6.64 1.13 -24.78
N ILE B 154 6.58 0.48 -23.63
CA ILE B 154 7.49 0.80 -22.53
C ILE B 154 8.98 0.80 -22.87
N THR B 155 9.41 -0.08 -23.77
CA THR B 155 10.83 -0.17 -24.14
C THR B 155 11.27 0.91 -25.13
N GLU B 156 10.34 1.77 -25.53
CA GLU B 156 10.63 2.83 -26.48
C GLU B 156 10.77 4.20 -25.80
N GLU B 157 11.59 5.07 -26.39
CA GLU B 157 11.77 6.41 -25.84
C GLU B 157 10.58 7.28 -26.24
N PRO B 158 10.31 8.36 -25.48
CA PRO B 158 9.19 9.24 -25.80
C PRO B 158 9.56 10.20 -26.92
N ASN B 159 8.58 11.00 -27.36
CA ASN B 159 8.79 11.99 -28.40
C ASN B 159 9.26 13.22 -27.61
N TYR B 160 10.55 13.52 -27.68
CA TYR B 160 11.16 14.62 -26.94
C TYR B 160 10.78 16.03 -27.41
N ASP B 161 10.69 16.24 -28.71
CA ASP B 161 10.36 17.56 -29.23
C ASP B 161 8.92 18.00 -28.98
N GLU B 162 8.01 17.04 -28.94
CA GLU B 162 6.61 17.35 -28.69
C GLU B 162 6.51 17.94 -27.29
N VAL B 163 7.33 17.43 -26.38
CA VAL B 163 7.36 17.88 -25.00
C VAL B 163 7.95 19.28 -24.88
N VAL B 164 9.13 19.49 -25.45
CA VAL B 164 9.79 20.78 -25.39
C VAL B 164 8.94 21.88 -26.02
N ASN B 165 8.28 21.57 -27.13
CA ASN B 165 7.44 22.56 -27.80
C ASN B 165 6.23 22.98 -26.97
N LYS B 166 5.68 22.06 -26.20
CA LYS B 166 4.53 22.39 -25.37
C LYS B 166 4.99 23.26 -24.20
N VAL B 167 6.15 22.94 -23.64
CA VAL B 167 6.68 23.72 -22.53
C VAL B 167 6.89 25.15 -23.00
N LYS B 168 7.41 25.30 -24.22
CA LYS B 168 7.66 26.62 -24.77
C LYS B 168 6.42 27.51 -24.86
N GLU B 169 5.29 26.94 -25.28
CA GLU B 169 4.08 27.72 -25.40
C GLU B 169 3.48 28.06 -24.04
N LEU B 170 3.94 27.36 -23.00
CA LEU B 170 3.44 27.61 -21.65
C LEU B 170 4.35 28.56 -20.87
N GLY C 1 18.93 -12.43 18.75
CA GLY C 1 18.27 -13.34 19.73
C GLY C 1 16.84 -12.96 20.05
N HIS C 2 16.55 -11.66 20.07
CA HIS C 2 15.21 -11.18 20.37
C HIS C 2 14.85 -9.95 19.55
N MET C 3 13.62 -9.89 19.05
CA MET C 3 13.20 -8.74 18.28
C MET C 3 12.82 -7.62 19.24
N ALA C 4 12.59 -6.43 18.69
CA ALA C 4 12.21 -5.27 19.49
C ALA C 4 11.34 -4.39 18.58
N ARG C 5 10.74 -3.35 19.14
CA ARG C 5 9.88 -2.47 18.37
C ARG C 5 10.54 -1.17 17.92
N THR C 6 11.83 -1.04 18.21
CA THR C 6 12.58 0.14 17.81
C THR C 6 14.04 -0.25 17.59
N VAL C 7 14.71 0.49 16.72
CA VAL C 7 16.13 0.27 16.43
C VAL C 7 16.71 1.67 16.34
N ASN C 8 18.03 1.76 16.46
CA ASN C 8 18.67 3.06 16.38
C ASN C 8 19.29 3.29 15.02
N LEU C 9 19.27 4.56 14.59
CA LEU C 9 19.87 4.97 13.35
C LEU C 9 20.81 6.09 13.78
N LYS C 10 22.07 5.74 13.94
CA LYS C 10 23.07 6.71 14.40
C LYS C 10 22.74 7.18 15.80
N GLY C 11 22.39 6.23 16.67
CA GLY C 11 22.07 6.55 18.04
C GLY C 11 20.64 6.97 18.32
N ASN C 12 19.98 7.58 17.33
CA ASN C 12 18.61 8.03 17.50
C ASN C 12 17.64 6.91 17.17
N PRO C 13 16.74 6.60 18.12
CA PRO C 13 15.75 5.53 17.93
C PRO C 13 14.66 5.84 16.91
N VAL C 14 14.28 4.81 16.16
CA VAL C 14 13.22 4.91 15.17
C VAL C 14 12.30 3.72 15.44
N THR C 15 11.00 3.96 15.40
CA THR C 15 10.02 2.91 15.68
C THR C 15 9.76 2.02 14.47
N LEU C 16 9.46 0.76 14.74
CA LEU C 16 9.16 -0.20 13.69
C LEU C 16 7.67 -0.47 13.68
N VAL C 17 7.16 -0.86 12.51
CA VAL C 17 5.75 -1.18 12.37
C VAL C 17 5.59 -2.62 12.85
N GLY C 18 4.50 -2.88 13.58
CA GLY C 18 4.27 -4.22 14.10
C GLY C 18 3.84 -5.16 12.99
N PRO C 19 3.60 -6.46 13.29
CA PRO C 19 3.73 -7.05 14.62
C PRO C 19 5.15 -7.51 14.92
N GLU C 20 5.44 -7.73 16.21
CA GLU C 20 6.75 -8.19 16.62
C GLU C 20 6.71 -9.72 16.61
N LEU C 21 7.60 -10.34 15.85
CA LEU C 21 7.64 -11.80 15.78
C LEU C 21 8.49 -12.39 16.88
N LYS C 22 8.20 -13.64 17.24
CA LYS C 22 8.95 -14.31 18.29
C LYS C 22 9.20 -15.76 17.87
N VAL C 23 10.27 -16.34 18.37
CA VAL C 23 10.60 -17.72 18.06
C VAL C 23 9.36 -18.56 18.38
N GLY C 24 9.01 -19.48 17.51
CA GLY C 24 7.84 -20.32 17.74
C GLY C 24 6.65 -19.92 16.88
N ASP C 25 6.59 -18.64 16.50
CA ASP C 25 5.50 -18.17 15.65
C ASP C 25 5.65 -18.75 14.25
N ARG C 26 4.54 -18.85 13.53
CA ARG C 26 4.60 -19.35 12.16
C ARG C 26 5.28 -18.22 11.38
N ALA C 27 6.10 -18.59 10.40
CA ALA C 27 6.78 -17.59 9.59
C ALA C 27 5.85 -17.14 8.48
N PRO C 28 5.50 -15.85 8.45
CA PRO C 28 4.60 -15.36 7.40
C PRO C 28 5.23 -15.56 6.02
N GLU C 29 4.39 -15.79 5.02
CA GLU C 29 4.92 -15.96 3.69
C GLU C 29 5.01 -14.57 3.09
N ALA C 30 6.11 -14.30 2.39
CA ALA C 30 6.31 -13.01 1.75
C ALA C 30 6.55 -13.31 0.27
N VAL C 31 5.78 -12.65 -0.59
CA VAL C 31 5.90 -12.84 -2.02
C VAL C 31 6.86 -11.78 -2.55
N VAL C 32 8.09 -12.20 -2.82
CA VAL C 32 9.11 -11.27 -3.28
C VAL C 32 9.48 -11.47 -4.76
N VAL C 33 10.21 -10.51 -5.31
CA VAL C 33 10.61 -10.53 -6.71
C VAL C 33 12.12 -10.65 -6.87
N THR C 34 12.57 -11.67 -7.59
CA THR C 34 13.99 -11.87 -7.82
C THR C 34 14.51 -10.98 -8.96
N LYS C 35 15.82 -10.99 -9.17
CA LYS C 35 16.43 -10.15 -10.20
C LYS C 35 16.01 -10.42 -11.63
N ASP C 36 15.43 -11.59 -11.88
CA ASP C 36 14.96 -11.93 -13.22
C ASP C 36 13.45 -11.63 -13.31
N LEU C 37 12.94 -10.93 -12.30
CA LEU C 37 11.54 -10.53 -12.22
C LEU C 37 10.55 -11.66 -11.96
N GLN C 38 11.05 -12.79 -11.48
CA GLN C 38 10.20 -13.92 -11.17
C GLN C 38 9.77 -13.75 -9.71
N GLU C 39 8.59 -14.25 -9.35
CA GLU C 39 8.17 -14.14 -7.96
C GLU C 39 8.59 -15.37 -7.19
N LYS C 40 8.97 -15.17 -5.94
CA LYS C 40 9.41 -16.24 -5.08
C LYS C 40 8.76 -16.05 -3.71
N ILE C 41 8.43 -17.16 -3.06
CA ILE C 41 7.83 -17.07 -1.74
C ILE C 41 8.86 -17.46 -0.69
N VAL C 42 9.04 -16.62 0.32
CA VAL C 42 9.94 -16.95 1.41
C VAL C 42 9.04 -17.04 2.62
N GLY C 43 9.45 -17.79 3.63
CA GLY C 43 8.60 -17.95 4.80
C GLY C 43 7.75 -19.19 4.57
N GLY C 44 6.83 -19.45 5.49
CA GLY C 44 5.99 -20.63 5.34
C GLY C 44 6.86 -21.86 5.48
N ALA C 45 6.29 -23.04 5.26
CA ALA C 45 7.05 -24.27 5.37
C ALA C 45 7.56 -24.78 4.03
N LYS C 46 8.86 -25.08 3.98
CA LYS C 46 9.50 -25.61 2.79
C LYS C 46 10.34 -26.80 3.24
N ASP C 47 10.74 -27.65 2.31
CA ASP C 47 11.54 -28.82 2.64
C ASP C 47 13.01 -28.49 2.88
N VAL C 48 13.28 -27.23 3.22
CA VAL C 48 14.63 -26.76 3.50
C VAL C 48 14.57 -25.68 4.57
N VAL C 49 15.68 -25.46 5.26
CA VAL C 49 15.76 -24.44 6.28
C VAL C 49 15.89 -23.11 5.54
N GLN C 50 15.18 -22.09 5.99
CA GLN C 50 15.25 -20.79 5.32
C GLN C 50 15.89 -19.73 6.19
N VAL C 51 16.81 -18.97 5.60
CA VAL C 51 17.45 -17.89 6.31
C VAL C 51 17.03 -16.62 5.57
N ILE C 52 16.26 -15.77 6.23
CA ILE C 52 15.79 -14.54 5.64
C ILE C 52 16.55 -13.39 6.27
N ILE C 53 17.27 -12.64 5.44
CA ILE C 53 18.07 -11.52 5.88
C ILE C 53 17.52 -10.24 5.29
N THR C 54 17.07 -9.31 6.14
CA THR C 54 16.54 -8.06 5.64
C THR C 54 17.58 -6.95 5.81
N VAL C 55 17.66 -6.07 4.81
CA VAL C 55 18.59 -4.95 4.85
C VAL C 55 17.92 -3.73 4.26
N PRO C 56 18.34 -2.53 4.69
CA PRO C 56 17.75 -1.28 4.18
C PRO C 56 17.95 -1.12 2.68
N SER C 57 19.18 -1.32 2.21
CA SER C 57 19.46 -1.19 0.80
C SER C 57 20.82 -1.70 0.40
N LEU C 58 20.85 -2.52 -0.64
CA LEU C 58 22.10 -3.07 -1.15
C LEU C 58 22.96 -1.96 -1.76
N ASP C 59 22.37 -0.80 -2.00
CA ASP C 59 23.12 0.33 -2.56
C ASP C 59 23.76 1.18 -1.46
N THR C 60 23.85 0.64 -0.24
CA THR C 60 24.47 1.33 0.89
C THR C 60 25.63 0.45 1.37
N PRO C 61 26.67 1.08 1.96
CA PRO C 61 27.88 0.43 2.48
C PRO C 61 27.73 -0.83 3.34
N VAL C 62 27.08 -0.71 4.48
CA VAL C 62 26.92 -1.83 5.40
C VAL C 62 26.16 -3.01 4.80
N CYS C 63 25.06 -2.73 4.10
CA CYS C 63 24.27 -3.79 3.49
C CYS C 63 25.12 -4.54 2.46
N GLU C 64 25.92 -3.80 1.71
CA GLU C 64 26.79 -4.42 0.71
C GLU C 64 27.76 -5.37 1.40
N THR C 65 28.42 -4.87 2.45
CA THR C 65 29.39 -5.64 3.22
C THR C 65 28.73 -6.87 3.83
N GLU C 66 27.53 -6.69 4.37
CA GLU C 66 26.79 -7.79 4.99
C GLU C 66 26.46 -8.88 3.99
N THR C 67 25.95 -8.49 2.82
CA THR C 67 25.56 -9.45 1.79
C THR C 67 26.75 -10.25 1.25
N LYS C 68 27.89 -9.58 1.09
CA LYS C 68 29.09 -10.25 0.61
C LYS C 68 29.56 -11.25 1.67
N LYS C 69 29.42 -10.86 2.93
CA LYS C 69 29.83 -11.70 4.05
C LYS C 69 29.02 -12.99 4.10
N PHE C 70 27.69 -12.85 4.09
CA PHE C 70 26.83 -14.03 4.13
C PHE C 70 27.04 -14.92 2.92
N ASN C 71 27.26 -14.31 1.76
CA ASN C 71 27.48 -15.05 0.53
C ASN C 71 28.69 -15.98 0.68
N GLU C 72 29.71 -15.49 1.37
CA GLU C 72 30.91 -16.27 1.57
C GLU C 72 30.73 -17.36 2.62
N ILE C 73 30.24 -16.97 3.80
CA ILE C 73 30.06 -17.92 4.89
C ILE C 73 29.02 -19.00 4.63
N MET C 74 28.04 -18.72 3.77
CA MET C 74 27.00 -19.71 3.47
C MET C 74 27.33 -20.57 2.26
N ALA C 75 28.48 -20.34 1.65
CA ALA C 75 28.88 -21.11 0.47
C ALA C 75 29.12 -22.59 0.81
N GLY C 76 28.53 -23.47 0.00
CA GLY C 76 28.72 -24.89 0.21
C GLY C 76 27.74 -25.59 1.13
N MET C 77 26.91 -24.82 1.83
CA MET C 77 25.94 -25.43 2.73
C MET C 77 24.73 -25.97 2.00
N GLU C 78 24.36 -27.21 2.33
CA GLU C 78 23.21 -27.86 1.71
C GLU C 78 22.04 -27.91 2.68
N GLY C 79 20.83 -27.96 2.15
CA GLY C 79 19.66 -28.02 2.99
C GLY C 79 19.15 -26.68 3.48
N VAL C 80 19.76 -25.60 2.98
CA VAL C 80 19.34 -24.25 3.39
C VAL C 80 19.20 -23.29 2.22
N ASP C 81 18.20 -22.40 2.32
CA ASP C 81 17.94 -21.41 1.28
C ASP C 81 18.07 -20.03 1.93
N VAL C 82 19.07 -19.27 1.50
CA VAL C 82 19.33 -17.94 2.03
C VAL C 82 18.90 -16.86 1.06
N THR C 83 18.09 -15.93 1.55
CA THR C 83 17.60 -14.83 0.71
C THR C 83 17.77 -13.50 1.43
N VAL C 84 18.39 -12.54 0.75
CA VAL C 84 18.57 -11.20 1.30
C VAL C 84 17.44 -10.40 0.69
N VAL C 85 16.59 -9.82 1.53
CA VAL C 85 15.43 -9.06 1.06
C VAL C 85 15.53 -7.59 1.43
N SER C 86 15.19 -6.72 0.48
CA SER C 86 15.19 -5.27 0.71
C SER C 86 14.13 -4.63 -0.17
N MET C 87 13.96 -3.32 -0.04
CA MET C 87 12.98 -2.62 -0.86
C MET C 87 13.62 -2.11 -2.15
N ASP C 88 14.87 -2.48 -2.40
CA ASP C 88 15.54 -2.06 -3.65
C ASP C 88 14.75 -2.71 -4.78
N LEU C 89 14.64 -2.06 -5.93
CA LEU C 89 13.94 -2.68 -7.05
C LEU C 89 14.84 -3.80 -7.58
N PRO C 90 14.24 -4.78 -8.28
CA PRO C 90 15.00 -5.90 -8.83
C PRO C 90 16.16 -5.45 -9.73
N PHE C 91 15.99 -4.29 -10.37
CA PHE C 91 17.01 -3.75 -11.26
C PHE C 91 18.28 -3.37 -10.51
N ALA C 92 18.13 -2.84 -9.31
CA ALA C 92 19.30 -2.45 -8.51
C ALA C 92 19.97 -3.71 -7.98
N GLN C 93 19.16 -4.68 -7.57
CA GLN C 93 19.67 -5.94 -7.05
C GLN C 93 20.36 -6.73 -8.14
N LYS C 94 19.88 -6.56 -9.37
CA LYS C 94 20.46 -7.24 -10.52
C LYS C 94 21.85 -6.66 -10.75
N ARG C 95 21.95 -5.33 -10.67
CA ARG C 95 23.23 -4.65 -10.85
C ARG C 95 24.21 -4.99 -9.74
N PHE C 96 23.69 -5.20 -8.53
CA PHE C 96 24.53 -5.53 -7.38
C PHE C 96 25.20 -6.89 -7.57
N CYS C 97 24.42 -7.86 -8.04
CA CYS C 97 24.93 -9.21 -8.25
C CYS C 97 25.86 -9.32 -9.46
N GLU C 98 25.82 -8.32 -10.33
CA GLU C 98 26.68 -8.32 -11.51
C GLU C 98 28.02 -7.67 -11.16
N SER C 99 28.02 -6.88 -10.09
CA SER C 99 29.24 -6.18 -9.67
C SER C 99 30.01 -6.92 -8.59
N PHE C 100 29.35 -7.82 -7.88
CA PHE C 100 30.02 -8.54 -6.80
C PHE C 100 29.98 -10.07 -6.84
N ASN C 101 29.56 -10.63 -7.96
CA ASN C 101 29.51 -12.08 -8.09
C ASN C 101 28.89 -12.76 -6.86
N ILE C 102 27.60 -12.53 -6.66
CA ILE C 102 26.88 -13.13 -5.53
C ILE C 102 26.15 -14.35 -6.07
N GLN C 103 26.63 -15.55 -5.73
CA GLN C 103 26.00 -16.76 -6.23
C GLN C 103 25.69 -17.83 -5.17
N ASN C 104 26.01 -17.55 -3.91
CA ASN C 104 25.73 -18.52 -2.86
C ASN C 104 24.43 -18.22 -2.13
N VAL C 105 23.93 -16.99 -2.27
CA VAL C 105 22.70 -16.58 -1.64
C VAL C 105 21.82 -15.90 -2.69
N THR C 106 20.52 -15.82 -2.42
CA THR C 106 19.58 -15.19 -3.35
C THR C 106 19.23 -13.81 -2.85
N VAL C 107 18.96 -12.89 -3.77
CA VAL C 107 18.56 -11.54 -3.39
C VAL C 107 17.14 -11.36 -3.95
N ALA C 108 16.28 -10.67 -3.21
CA ALA C 108 14.92 -10.48 -3.68
C ALA C 108 14.38 -9.14 -3.19
N SER C 109 13.44 -8.58 -3.93
CA SER C 109 12.84 -7.30 -3.59
C SER C 109 11.43 -7.45 -3.05
N ASP C 110 11.11 -6.68 -2.01
CA ASP C 110 9.78 -6.73 -1.41
C ASP C 110 8.97 -5.50 -1.81
N PHE C 111 9.37 -4.86 -2.91
CA PHE C 111 8.69 -3.65 -3.37
C PHE C 111 7.23 -3.83 -3.78
N ARG C 112 6.90 -4.99 -4.33
CA ARG C 112 5.53 -5.24 -4.83
C ARG C 112 4.41 -5.34 -3.82
N TYR C 113 4.60 -6.12 -2.76
CA TYR C 113 3.57 -6.32 -1.75
C TYR C 113 3.97 -5.83 -0.36
N ARG C 114 5.26 -5.57 -0.19
CA ARG C 114 5.80 -5.12 1.09
C ARG C 114 5.39 -6.10 2.19
N ASP C 115 5.53 -7.39 1.89
CA ASP C 115 5.16 -8.43 2.84
C ASP C 115 6.04 -8.50 4.09
N MET C 116 7.24 -7.94 4.04
CA MET C 116 8.10 -8.02 5.21
C MET C 116 7.57 -7.21 6.40
N GLU C 117 6.50 -6.44 6.17
CA GLU C 117 5.89 -5.69 7.26
C GLU C 117 5.40 -6.74 8.26
N LYS C 118 5.06 -7.91 7.73
CA LYS C 118 4.55 -9.02 8.54
C LYS C 118 5.61 -9.58 9.49
N TYR C 119 6.87 -9.21 9.26
CA TYR C 119 7.98 -9.65 10.10
C TYR C 119 8.37 -8.59 11.12
N GLY C 120 7.65 -7.46 11.12
CA GLY C 120 7.92 -6.40 12.08
C GLY C 120 9.22 -5.65 11.88
N VAL C 121 9.69 -5.58 10.64
CA VAL C 121 10.93 -4.88 10.36
C VAL C 121 10.75 -3.65 9.45
N LEU C 122 9.50 -3.29 9.16
CA LEU C 122 9.29 -2.11 8.33
C LEU C 122 9.49 -0.88 9.21
N ILE C 123 10.36 0.03 8.78
CA ILE C 123 10.65 1.25 9.54
C ILE C 123 9.46 2.21 9.41
N GLY C 124 8.96 2.68 10.56
CA GLY C 124 7.80 3.55 10.53
C GLY C 124 7.98 5.04 10.71
N GLU C 125 9.22 5.52 10.83
CA GLU C 125 9.43 6.94 11.01
C GLU C 125 10.83 7.38 10.60
N GLY C 126 10.99 8.69 10.45
CA GLY C 126 12.29 9.23 10.08
C GLY C 126 12.59 9.16 8.60
N ALA C 127 13.83 9.50 8.26
CA ALA C 127 14.29 9.51 6.88
C ALA C 127 14.19 8.15 6.18
N LEU C 128 14.28 7.07 6.93
CA LEU C 128 14.21 5.75 6.33
C LEU C 128 12.83 5.08 6.42
N LYS C 129 11.79 5.86 6.70
CA LYS C 129 10.46 5.28 6.79
C LYS C 129 10.12 4.56 5.48
N GLY C 130 9.55 3.36 5.58
CA GLY C 130 9.17 2.62 4.39
C GLY C 130 10.22 1.62 3.92
N ILE C 131 11.39 1.64 4.57
CA ILE C 131 12.51 0.75 4.25
C ILE C 131 12.58 -0.33 5.35
N LEU C 132 13.27 -1.43 5.10
CA LEU C 132 13.37 -2.50 6.10
C LEU C 132 14.58 -2.34 7.02
N ALA C 133 14.40 -2.65 8.29
CA ALA C 133 15.50 -2.59 9.26
C ALA C 133 16.40 -3.81 9.01
N ARG C 134 17.56 -3.84 9.66
CA ARG C 134 18.50 -4.95 9.49
C ARG C 134 18.16 -6.07 10.47
N ALA C 135 17.81 -7.24 9.93
CA ALA C 135 17.46 -8.38 10.76
C ALA C 135 17.71 -9.71 10.08
N VAL C 136 17.67 -10.78 10.87
CA VAL C 136 17.87 -12.12 10.33
C VAL C 136 16.88 -13.07 11.00
N PHE C 137 16.24 -13.89 10.17
CA PHE C 137 15.27 -14.86 10.67
C PHE C 137 15.67 -16.22 10.11
N ILE C 138 15.51 -17.26 10.91
CA ILE C 138 15.80 -18.61 10.42
C ILE C 138 14.49 -19.37 10.60
N ILE C 139 14.00 -19.95 9.52
CA ILE C 139 12.74 -20.70 9.55
C ILE C 139 13.02 -22.19 9.43
N ASP C 140 12.42 -23.00 10.29
CA ASP C 140 12.64 -24.45 10.21
C ASP C 140 11.79 -25.04 9.09
N LYS C 141 12.01 -26.31 8.78
CA LYS C 141 11.26 -26.97 7.71
C LYS C 141 9.77 -26.99 7.94
N GLU C 142 9.34 -26.85 9.19
CA GLU C 142 7.92 -26.87 9.52
C GLU C 142 7.25 -25.51 9.35
N GLY C 143 8.03 -24.50 8.95
CA GLY C 143 7.49 -23.17 8.75
C GLY C 143 7.38 -22.31 10.00
N LYS C 144 8.15 -22.65 11.04
CA LYS C 144 8.12 -21.90 12.29
C LYS C 144 9.40 -21.09 12.47
N VAL C 145 9.27 -19.90 13.07
CA VAL C 145 10.43 -19.06 13.32
C VAL C 145 11.25 -19.75 14.40
N ALA C 146 12.48 -20.14 14.06
CA ALA C 146 13.35 -20.83 15.01
C ALA C 146 14.41 -19.91 15.59
N TYR C 147 14.63 -18.78 14.94
CA TYR C 147 15.65 -17.84 15.40
C TYR C 147 15.39 -16.44 14.85
N VAL C 148 15.69 -15.43 15.66
CA VAL C 148 15.52 -14.05 15.24
C VAL C 148 16.69 -13.21 15.74
N GLN C 149 17.06 -12.21 14.95
CA GLN C 149 18.12 -11.28 15.33
C GLN C 149 17.82 -9.93 14.72
N LEU C 150 17.69 -8.93 15.58
CA LEU C 150 17.43 -7.57 15.13
C LEU C 150 18.66 -6.76 15.51
N VAL C 151 19.39 -6.26 14.52
CA VAL C 151 20.58 -5.48 14.82
C VAL C 151 20.08 -4.20 15.50
N PRO C 152 20.55 -3.92 16.74
CA PRO C 152 20.18 -2.75 17.54
C PRO C 152 20.40 -1.41 16.87
N GLU C 153 21.45 -1.33 16.07
CA GLU C 153 21.82 -0.11 15.36
C GLU C 153 21.85 -0.44 13.87
N ILE C 154 21.07 0.31 13.09
CA ILE C 154 21.00 0.07 11.65
C ILE C 154 22.34 0.10 10.94
N THR C 155 23.27 0.92 11.42
CA THR C 155 24.58 1.04 10.77
C THR C 155 25.57 -0.03 11.20
N GLU C 156 25.12 -0.97 12.02
CA GLU C 156 25.93 -2.07 12.53
C GLU C 156 25.72 -3.33 11.70
N GLU C 157 26.70 -4.23 11.72
CA GLU C 157 26.58 -5.48 11.01
C GLU C 157 26.01 -6.47 12.02
N PRO C 158 25.34 -7.53 11.54
CA PRO C 158 24.76 -8.50 12.48
C PRO C 158 25.85 -9.45 13.01
N ASN C 159 25.46 -10.32 13.92
CA ASN C 159 26.37 -11.32 14.47
C ASN C 159 26.22 -12.50 13.52
N TYR C 160 27.23 -12.71 12.67
CA TYR C 160 27.21 -13.80 11.68
C TYR C 160 27.37 -15.20 12.26
N ASP C 161 28.29 -15.36 13.20
CA ASP C 161 28.54 -16.66 13.81
C ASP C 161 27.28 -17.26 14.44
N GLU C 162 26.52 -16.41 15.13
CA GLU C 162 25.30 -16.85 15.79
C GLU C 162 24.34 -17.47 14.77
N VAL C 163 24.22 -16.84 13.60
CA VAL C 163 23.33 -17.33 12.56
C VAL C 163 23.81 -18.68 12.02
N VAL C 164 25.09 -18.75 11.66
CA VAL C 164 25.65 -19.99 11.12
C VAL C 164 25.47 -21.15 12.09
N ASN C 165 25.81 -20.92 13.35
CA ASN C 165 25.70 -21.97 14.37
C ASN C 165 24.29 -22.52 14.51
N LYS C 166 23.29 -21.64 14.43
CA LYS C 166 21.90 -22.06 14.55
C LYS C 166 21.42 -22.84 13.33
N VAL C 167 21.89 -22.43 12.14
CA VAL C 167 21.51 -23.11 10.90
C VAL C 167 22.04 -24.54 10.92
N LYS C 168 23.24 -24.71 11.45
CA LYS C 168 23.85 -26.04 11.52
C LYS C 168 23.05 -26.95 12.43
N GLU C 169 22.41 -26.39 13.45
CA GLU C 169 21.61 -27.18 14.39
C GLU C 169 20.28 -27.60 13.80
N LEU C 170 19.79 -26.82 12.84
CA LEU C 170 18.50 -27.11 12.21
C LEU C 170 18.62 -27.98 10.96
N GLY D 1 -15.39 -22.38 -13.50
CA GLY D 1 -15.20 -21.58 -14.75
C GLY D 1 -13.77 -21.11 -14.92
N HIS D 2 -13.61 -19.99 -15.60
CA HIS D 2 -12.28 -19.43 -15.82
C HIS D 2 -12.21 -18.00 -15.29
N MET D 3 -11.03 -17.59 -14.84
CA MET D 3 -10.86 -16.24 -14.34
C MET D 3 -10.75 -15.33 -15.56
N ALA D 4 -10.72 -14.03 -15.34
CA ALA D 4 -10.60 -13.06 -16.42
C ALA D 4 -9.85 -11.85 -15.87
N ARG D 5 -9.37 -10.98 -16.75
CA ARG D 5 -8.64 -9.80 -16.31
C ARG D 5 -9.52 -8.57 -16.30
N THR D 6 -10.80 -8.77 -16.59
CA THR D 6 -11.76 -7.68 -16.63
C THR D 6 -13.14 -8.14 -16.15
N VAL D 7 -13.92 -7.21 -15.63
CA VAL D 7 -15.29 -7.48 -15.18
C VAL D 7 -16.04 -6.20 -15.49
N ASN D 8 -17.37 -6.28 -15.50
CA ASN D 8 -18.17 -5.08 -15.76
C ASN D 8 -18.73 -4.54 -14.45
N LEU D 9 -18.86 -3.23 -14.36
CA LEU D 9 -19.47 -2.58 -13.21
C LEU D 9 -20.60 -1.78 -13.82
N LYS D 10 -21.84 -2.24 -13.61
CA LYS D 10 -23.00 -1.57 -14.18
C LYS D 10 -22.87 -1.47 -15.70
N GLY D 11 -22.41 -2.55 -16.32
CA GLY D 11 -22.28 -2.59 -17.77
C GLY D 11 -20.97 -2.07 -18.36
N ASN D 12 -20.20 -1.33 -17.58
CA ASN D 12 -18.94 -0.76 -18.04
C ASN D 12 -17.75 -1.60 -17.63
N PRO D 13 -16.88 -1.94 -18.59
CA PRO D 13 -15.69 -2.75 -18.32
C PRO D 13 -14.68 -2.06 -17.41
N VAL D 14 -14.13 -2.81 -16.48
CA VAL D 14 -13.11 -2.30 -15.57
C VAL D 14 -12.04 -3.37 -15.44
N THR D 15 -10.79 -2.95 -15.57
CA THR D 15 -9.70 -3.91 -15.48
C THR D 15 -9.36 -4.27 -14.05
N LEU D 16 -8.86 -5.48 -13.88
CA LEU D 16 -8.45 -5.99 -12.58
C LEU D 16 -6.94 -5.97 -12.54
N VAL D 17 -6.38 -5.89 -11.35
CA VAL D 17 -4.93 -5.90 -11.17
C VAL D 17 -4.49 -7.36 -11.24
N GLY D 18 -3.37 -7.63 -11.89
CA GLY D 18 -2.87 -9.00 -11.98
C GLY D 18 -2.30 -9.47 -10.66
N PRO D 19 -1.83 -10.72 -10.57
CA PRO D 19 -1.80 -11.74 -11.63
C PRO D 19 -3.11 -12.49 -11.73
N GLU D 20 -3.37 -13.07 -12.90
CA GLU D 20 -4.58 -13.84 -13.09
C GLU D 20 -4.30 -15.26 -12.64
N LEU D 21 -5.14 -15.81 -11.77
CA LEU D 21 -4.93 -17.18 -11.30
C LEU D 21 -5.70 -18.19 -12.14
N LYS D 22 -5.19 -19.41 -12.20
CA LYS D 22 -5.85 -20.46 -12.95
C LYS D 22 -5.86 -21.74 -12.10
N VAL D 23 -6.79 -22.65 -12.43
CA VAL D 23 -6.88 -23.90 -11.71
C VAL D 23 -5.53 -24.60 -11.79
N GLY D 24 -5.06 -25.11 -10.65
CA GLY D 24 -3.76 -25.78 -10.62
C GLY D 24 -2.68 -24.95 -9.98
N ASP D 25 -2.86 -23.62 -9.97
CA ASP D 25 -1.87 -22.73 -9.36
C ASP D 25 -1.88 -22.89 -7.84
N ARG D 26 -0.76 -22.60 -7.20
CA ARG D 26 -0.70 -22.67 -5.74
C ARG D 26 -1.56 -21.51 -5.27
N ALA D 27 -2.36 -21.73 -4.22
CA ALA D 27 -3.22 -20.67 -3.70
C ALA D 27 -2.40 -19.78 -2.78
N PRO D 28 -2.27 -18.48 -3.12
CA PRO D 28 -1.49 -17.55 -2.29
C PRO D 28 -2.09 -17.42 -0.89
N GLU D 29 -1.25 -17.17 0.11
CA GLU D 29 -1.76 -16.98 1.46
C GLU D 29 -2.15 -15.52 1.62
N ALA D 30 -3.25 -15.29 2.32
CA ALA D 30 -3.72 -13.95 2.56
C ALA D 30 -3.94 -13.81 4.07
N VAL D 31 -3.31 -12.80 4.65
CA VAL D 31 -3.43 -12.54 6.08
C VAL D 31 -4.56 -11.55 6.26
N VAL D 32 -5.71 -12.05 6.72
CA VAL D 32 -6.89 -11.23 6.90
C VAL D 32 -7.26 -11.06 8.37
N VAL D 33 -8.13 -10.09 8.65
CA VAL D 33 -8.52 -9.80 10.03
C VAL D 33 -10.00 -10.11 10.28
N THR D 34 -10.27 -10.95 11.29
CA THR D 34 -11.64 -11.33 11.64
C THR D 34 -12.32 -10.26 12.50
N LYS D 35 -13.62 -10.41 12.72
CA LYS D 35 -14.37 -9.42 13.49
C LYS D 35 -13.89 -9.16 14.92
N ASP D 36 -13.10 -10.07 15.46
CA ASP D 36 -12.58 -9.90 16.82
C ASP D 36 -11.17 -9.28 16.76
N LEU D 37 -10.81 -8.83 15.56
CA LEU D 37 -9.50 -8.20 15.29
C LEU D 37 -8.33 -9.16 15.33
N GLN D 38 -8.61 -10.46 15.28
CA GLN D 38 -7.54 -11.45 15.27
C GLN D 38 -7.21 -11.69 13.80
N GLU D 39 -6.00 -12.17 13.52
CA GLU D 39 -5.62 -12.42 12.13
C GLU D 39 -5.77 -13.89 11.78
N LYS D 40 -6.26 -14.15 10.58
CA LYS D 40 -6.46 -15.50 10.10
C LYS D 40 -5.76 -15.61 8.77
N ILE D 41 -5.23 -16.79 8.47
CA ILE D 41 -4.56 -17.01 7.19
C ILE D 41 -5.47 -17.86 6.30
N VAL D 42 -5.78 -17.37 5.11
CA VAL D 42 -6.59 -18.14 4.17
C VAL D 42 -5.67 -18.44 2.99
N GLY D 43 -5.91 -19.55 2.31
CA GLY D 43 -5.05 -19.92 1.20
C GLY D 43 -3.97 -20.88 1.67
N GLY D 44 -3.00 -21.16 0.80
CA GLY D 44 -1.95 -22.09 1.17
C GLY D 44 -2.55 -23.47 1.35
N ALA D 45 -1.74 -24.43 1.79
CA ALA D 45 -2.24 -25.79 1.99
C ALA D 45 -2.67 -26.04 3.43
N LYS D 46 -3.89 -26.51 3.60
CA LYS D 46 -4.44 -26.85 4.91
C LYS D 46 -5.07 -28.23 4.81
N ASP D 47 -5.23 -28.93 5.93
CA ASP D 47 -5.83 -30.26 5.92
C ASP D 47 -7.35 -30.12 5.85
N VAL D 48 -7.82 -29.24 4.96
CA VAL D 48 -9.25 -29.00 4.80
C VAL D 48 -9.51 -28.24 3.50
N VAL D 49 -10.69 -28.42 2.92
CA VAL D 49 -11.02 -27.72 1.68
C VAL D 49 -11.40 -26.29 2.02
N GLN D 50 -10.79 -25.33 1.32
CA GLN D 50 -11.07 -23.93 1.60
C GLN D 50 -11.89 -23.27 0.51
N VAL D 51 -12.84 -22.45 0.94
CA VAL D 51 -13.69 -21.71 0.01
C VAL D 51 -13.51 -20.24 0.36
N ILE D 52 -12.93 -19.49 -0.57
CA ILE D 52 -12.69 -18.07 -0.36
C ILE D 52 -13.63 -17.30 -1.29
N ILE D 53 -14.51 -16.51 -0.70
CA ILE D 53 -15.50 -15.74 -1.43
C ILE D 53 -15.19 -14.25 -1.31
N THR D 54 -14.88 -13.59 -2.40
CA THR D 54 -14.59 -12.17 -2.33
C THR D 54 -15.78 -11.34 -2.75
N VAL D 55 -15.99 -10.23 -2.06
CA VAL D 55 -17.08 -9.33 -2.36
C VAL D 55 -16.63 -7.88 -2.18
N PRO D 56 -17.28 -6.95 -2.90
CA PRO D 56 -16.94 -5.53 -2.81
C PRO D 56 -17.16 -4.98 -1.40
N SER D 57 -18.32 -5.24 -0.82
CA SER D 57 -18.61 -4.76 0.52
C SER D 57 -19.87 -5.36 1.12
N LEU D 58 -19.75 -5.84 2.35
CA LEU D 58 -20.89 -6.43 3.05
C LEU D 58 -21.94 -5.38 3.37
N ASP D 59 -21.63 -4.11 3.11
CA ASP D 59 -22.59 -3.03 3.37
C ASP D 59 -23.42 -2.67 2.14
N THR D 60 -23.45 -3.57 1.17
CA THR D 60 -24.24 -3.36 -0.04
C THR D 60 -25.20 -4.55 -0.12
N PRO D 61 -26.43 -4.31 -0.61
CA PRO D 61 -27.47 -5.33 -0.74
C PRO D 61 -27.06 -6.64 -1.41
N VAL D 62 -26.40 -6.54 -2.56
CA VAL D 62 -25.98 -7.75 -3.28
C VAL D 62 -25.02 -8.63 -2.48
N CYS D 63 -24.01 -8.01 -1.88
CA CYS D 63 -23.04 -8.77 -1.09
C CYS D 63 -23.70 -9.39 0.14
N GLU D 64 -24.64 -8.68 0.75
CA GLU D 64 -25.33 -9.18 1.93
C GLU D 64 -26.14 -10.41 1.55
N THR D 65 -26.82 -10.34 0.41
CA THR D 65 -27.64 -11.44 -0.09
C THR D 65 -26.77 -12.65 -0.41
N GLU D 66 -25.62 -12.40 -1.05
CA GLU D 66 -24.71 -13.48 -1.41
C GLU D 66 -24.20 -14.18 -0.17
N THR D 67 -23.79 -13.40 0.83
CA THR D 67 -23.26 -13.95 2.08
C THR D 67 -24.30 -14.75 2.86
N LYS D 68 -25.53 -14.26 2.90
CA LYS D 68 -26.58 -14.99 3.61
C LYS D 68 -26.87 -16.31 2.92
N LYS D 69 -26.86 -16.28 1.58
CA LYS D 69 -27.12 -17.49 0.79
C LYS D 69 -26.04 -18.54 0.98
N PHE D 70 -24.78 -18.12 1.01
CA PHE D 70 -23.70 -19.07 1.22
C PHE D 70 -23.72 -19.60 2.65
N ASN D 71 -24.11 -18.75 3.59
CA ASN D 71 -24.18 -19.17 4.99
C ASN D 71 -25.22 -20.28 5.12
N GLU D 72 -26.30 -20.16 4.37
CA GLU D 72 -27.38 -21.15 4.38
C GLU D 72 -26.99 -22.50 3.80
N ILE D 73 -26.50 -22.48 2.56
CA ILE D 73 -26.13 -23.70 1.85
C ILE D 73 -24.90 -24.45 2.36
N MET D 74 -24.06 -23.79 3.16
CA MET D 74 -22.88 -24.43 3.69
C MET D 74 -23.12 -24.89 5.13
N ALA D 75 -24.33 -24.63 5.63
CA ALA D 75 -24.70 -24.99 7.00
C ALA D 75 -24.41 -26.46 7.35
N GLY D 76 -23.64 -26.66 8.41
CA GLY D 76 -23.32 -28.00 8.88
C GLY D 76 -22.39 -28.85 8.04
N MET D 77 -21.87 -28.33 6.94
CA MET D 77 -20.99 -29.11 6.09
C MET D 77 -19.65 -29.41 6.76
N GLU D 78 -19.25 -30.69 6.73
CA GLU D 78 -17.99 -31.11 7.34
C GLU D 78 -16.83 -31.02 6.33
N GLY D 79 -15.62 -30.91 6.86
CA GLY D 79 -14.43 -30.86 6.00
C GLY D 79 -14.22 -29.64 5.11
N VAL D 80 -14.85 -28.52 5.45
CA VAL D 80 -14.69 -27.31 4.66
C VAL D 80 -14.54 -26.07 5.54
N ASP D 81 -13.82 -25.07 5.04
CA ASP D 81 -13.62 -23.83 5.77
C ASP D 81 -13.96 -22.71 4.80
N VAL D 82 -15.08 -22.05 5.03
CA VAL D 82 -15.56 -20.98 4.15
C VAL D 82 -15.34 -19.58 4.73
N THR D 83 -14.71 -18.71 3.95
CA THR D 83 -14.44 -17.35 4.39
C THR D 83 -14.87 -16.33 3.35
N VAL D 84 -15.64 -15.33 3.77
CA VAL D 84 -16.07 -14.25 2.88
C VAL D 84 -15.10 -13.10 3.14
N VAL D 85 -14.41 -12.63 2.10
CA VAL D 85 -13.42 -11.57 2.25
C VAL D 85 -13.74 -10.28 1.50
N SER D 86 -13.53 -9.14 2.16
CA SER D 86 -13.77 -7.84 1.53
C SER D 86 -12.83 -6.81 2.14
N MET D 87 -12.88 -5.59 1.61
CA MET D 87 -12.04 -4.52 2.13
C MET D 87 -12.74 -3.77 3.25
N ASP D 88 -13.91 -4.24 3.67
CA ASP D 88 -14.65 -3.60 4.77
C ASP D 88 -13.77 -3.68 6.01
N LEU D 89 -13.83 -2.67 6.88
CA LEU D 89 -13.04 -2.76 8.11
C LEU D 89 -13.76 -3.79 8.98
N PRO D 90 -13.03 -4.43 9.91
CA PRO D 90 -13.63 -5.43 10.79
C PRO D 90 -14.85 -4.90 11.55
N PHE D 91 -14.85 -3.62 11.86
CA PHE D 91 -15.97 -3.02 12.61
C PHE D 91 -17.28 -3.11 11.86
N ALA D 92 -17.24 -2.98 10.54
CA ALA D 92 -18.45 -3.07 9.73
C ALA D 92 -18.85 -4.53 9.57
N GLN D 93 -17.86 -5.41 9.45
CA GLN D 93 -18.13 -6.84 9.29
C GLN D 93 -18.77 -7.39 10.56
N LYS D 94 -18.35 -6.88 11.71
CA LYS D 94 -18.90 -7.35 12.98
C LYS D 94 -20.38 -6.98 13.06
N ARG D 95 -20.70 -5.73 12.71
CA ARG D 95 -22.08 -5.25 12.75
C ARG D 95 -22.93 -6.08 11.79
N PHE D 96 -22.35 -6.44 10.65
CA PHE D 96 -23.06 -7.24 9.65
C PHE D 96 -23.44 -8.60 10.23
N CYS D 97 -22.45 -9.32 10.75
CA CYS D 97 -22.68 -10.63 11.32
C CYS D 97 -23.74 -10.59 12.42
N GLU D 98 -23.68 -9.54 13.24
CA GLU D 98 -24.65 -9.39 14.32
C GLU D 98 -26.06 -9.19 13.78
N SER D 99 -26.20 -8.40 12.72
CA SER D 99 -27.50 -8.12 12.13
C SER D 99 -28.05 -9.27 11.29
N PHE D 100 -27.17 -10.01 10.63
CA PHE D 100 -27.59 -11.11 9.76
C PHE D 100 -27.37 -12.50 10.34
N ASN D 101 -26.93 -12.56 11.59
CA ASN D 101 -26.67 -13.83 12.27
C ASN D 101 -25.91 -14.83 11.40
N ILE D 102 -24.70 -14.47 10.99
CA ILE D 102 -23.88 -15.36 10.18
C ILE D 102 -23.02 -16.21 11.09
N GLN D 103 -23.31 -17.51 11.15
CA GLN D 103 -22.57 -18.42 12.02
C GLN D 103 -21.90 -19.60 11.32
N ASN D 104 -22.34 -19.91 10.11
CA ASN D 104 -21.78 -21.03 9.37
C ASN D 104 -20.55 -20.72 8.53
N VAL D 105 -20.30 -19.43 8.30
CA VAL D 105 -19.14 -19.03 7.53
C VAL D 105 -18.43 -17.92 8.28
N THR D 106 -17.18 -17.68 7.93
CA THR D 106 -16.38 -16.65 8.57
C THR D 106 -16.25 -15.45 7.64
N VAL D 107 -16.35 -14.24 8.20
CA VAL D 107 -16.18 -13.05 7.39
C VAL D 107 -14.83 -12.50 7.85
N ALA D 108 -14.05 -11.95 6.93
CA ALA D 108 -12.76 -11.40 7.30
C ALA D 108 -12.43 -10.23 6.40
N SER D 109 -11.60 -9.33 6.91
CA SER D 109 -11.20 -8.12 6.19
C SER D 109 -9.79 -8.17 5.65
N ASP D 110 -9.60 -7.65 4.44
CA ASP D 110 -8.29 -7.63 3.81
C ASP D 110 -7.72 -6.20 3.80
N PHE D 111 -8.27 -5.34 4.65
CA PHE D 111 -7.83 -3.95 4.70
C PHE D 111 -6.37 -3.75 5.07
N ARG D 112 -5.83 -4.62 5.92
CA ARG D 112 -4.48 -4.43 6.39
C ARG D 112 -3.34 -4.65 5.41
N TYR D 113 -3.41 -5.73 4.65
CA TYR D 113 -2.34 -6.03 3.70
C TYR D 113 -2.81 -6.13 2.25
N ARG D 114 -4.12 -6.15 2.06
CA ARG D 114 -4.71 -6.25 0.73
C ARG D 114 -4.04 -7.40 -0.02
N ASP D 115 -3.93 -8.54 0.66
CA ASP D 115 -3.31 -9.72 0.06
C ASP D 115 -4.15 -10.32 -1.07
N MET D 116 -5.45 -10.03 -1.11
CA MET D 116 -6.26 -10.61 -2.18
C MET D 116 -5.86 -10.10 -3.56
N GLU D 117 -4.97 -9.11 -3.61
CA GLU D 117 -4.48 -8.63 -4.90
C GLU D 117 -3.77 -9.81 -5.54
N LYS D 118 -3.24 -10.71 -4.70
CA LYS D 118 -2.52 -11.88 -5.19
C LYS D 118 -3.43 -12.89 -5.87
N TYR D 119 -4.74 -12.68 -5.75
CA TYR D 119 -5.71 -13.58 -6.37
C TYR D 119 -6.27 -12.98 -7.65
N GLY D 120 -5.76 -11.81 -8.03
CA GLY D 120 -6.20 -11.17 -9.25
C GLY D 120 -7.61 -10.59 -9.22
N VAL D 121 -8.12 -10.27 -8.03
CA VAL D 121 -9.46 -9.72 -7.92
C VAL D 121 -9.52 -8.27 -7.44
N LEU D 122 -8.36 -7.62 -7.33
CA LEU D 122 -8.35 -6.21 -6.93
C LEU D 122 -8.73 -5.37 -8.14
N ILE D 123 -9.77 -4.54 -8.00
CA ILE D 123 -10.23 -3.69 -9.10
C ILE D 123 -9.22 -2.57 -9.32
N GLY D 124 -8.77 -2.42 -10.56
CA GLY D 124 -7.77 -1.42 -10.90
C GLY D 124 -8.25 -0.12 -11.53
N GLU D 125 -9.55 0.03 -11.75
CA GLU D 125 -10.04 1.28 -12.34
C GLU D 125 -11.51 1.54 -12.01
N GLY D 126 -11.94 2.77 -12.27
CA GLY D 126 -13.32 3.12 -12.01
C GLY D 126 -13.63 3.50 -10.57
N ALA D 127 -14.91 3.69 -10.30
CA ALA D 127 -15.39 4.09 -8.99
C ALA D 127 -15.06 3.10 -7.88
N LEU D 128 -14.89 1.83 -8.21
CA LEU D 128 -14.58 0.84 -7.19
C LEU D 128 -13.10 0.45 -7.17
N LYS D 129 -12.25 1.30 -7.76
CA LYS D 129 -10.82 0.98 -7.74
C LYS D 129 -10.37 0.80 -6.29
N GLY D 130 -9.62 -0.27 -6.03
CA GLY D 130 -9.14 -0.53 -4.68
C GLY D 130 -10.00 -1.48 -3.88
N ILE D 131 -11.14 -1.86 -4.46
CA ILE D 131 -12.11 -2.77 -3.84
C ILE D 131 -11.98 -4.14 -4.49
N LEU D 132 -12.48 -5.19 -3.83
CA LEU D 132 -12.39 -6.52 -4.40
C LEU D 132 -13.57 -6.86 -5.30
N ALA D 133 -13.30 -7.56 -6.40
CA ALA D 133 -14.36 -7.97 -7.32
C ALA D 133 -15.05 -9.20 -6.73
N ARG D 134 -16.22 -9.55 -7.26
CA ARG D 134 -16.99 -10.68 -6.77
C ARG D 134 -16.48 -11.97 -7.40
N ALA D 135 -15.88 -12.83 -6.58
CA ALA D 135 -15.35 -14.09 -7.07
C ALA D 135 -15.41 -15.19 -6.02
N VAL D 136 -15.16 -16.41 -6.47
CA VAL D 136 -15.15 -17.57 -5.59
C VAL D 136 -13.99 -18.46 -5.97
N PHE D 137 -13.25 -18.90 -4.95
CA PHE D 137 -12.11 -19.79 -5.15
C PHE D 137 -12.30 -20.97 -4.23
N ILE D 138 -11.93 -22.15 -4.70
CA ILE D 138 -12.00 -23.34 -3.86
C ILE D 138 -10.59 -23.90 -3.90
N ILE D 139 -9.99 -24.07 -2.73
CA ILE D 139 -8.63 -24.57 -2.60
C ILE D 139 -8.65 -25.99 -2.06
N ASP D 140 -7.92 -26.91 -2.68
CA ASP D 140 -7.88 -28.28 -2.20
C ASP D 140 -6.89 -28.44 -1.05
N LYS D 141 -6.87 -29.62 -0.45
CA LYS D 141 -5.98 -29.87 0.67
C LYS D 141 -4.51 -29.73 0.32
N GLU D 142 -4.18 -29.77 -0.97
CA GLU D 142 -2.79 -29.64 -1.40
C GLU D 142 -2.38 -28.19 -1.55
N GLY D 143 -3.31 -27.27 -1.30
CA GLY D 143 -3.00 -25.86 -1.41
C GLY D 143 -3.06 -25.36 -2.84
N LYS D 144 -3.73 -26.09 -3.72
CA LYS D 144 -3.87 -25.70 -5.12
C LYS D 144 -5.26 -25.20 -5.41
N VAL D 145 -5.36 -24.21 -6.30
CA VAL D 145 -6.65 -23.68 -6.69
C VAL D 145 -7.32 -24.79 -7.48
N ALA D 146 -8.45 -25.28 -7.00
CA ALA D 146 -9.16 -26.36 -7.65
C ALA D 146 -10.37 -25.89 -8.43
N TYR D 147 -10.76 -24.64 -8.19
CA TYR D 147 -11.93 -24.07 -8.86
C TYR D 147 -11.92 -22.54 -8.77
N VAL D 148 -12.45 -21.89 -9.81
CA VAL D 148 -12.52 -20.43 -9.82
C VAL D 148 -13.79 -19.96 -10.52
N GLN D 149 -14.38 -18.90 -9.98
CA GLN D 149 -15.55 -18.29 -10.59
C GLN D 149 -15.47 -16.78 -10.41
N LEU D 150 -15.38 -16.06 -11.51
CA LEU D 150 -15.33 -14.62 -11.47
C LEU D 150 -16.66 -14.14 -12.05
N VAL D 151 -17.50 -13.54 -11.22
CA VAL D 151 -18.80 -13.05 -11.68
C VAL D 151 -18.49 -11.96 -12.70
N PRO D 152 -19.03 -12.09 -13.94
CA PRO D 152 -18.79 -11.11 -15.00
C PRO D 152 -19.26 -9.68 -14.79
N GLU D 153 -20.20 -9.48 -13.88
CA GLU D 153 -20.71 -8.14 -13.58
C GLU D 153 -20.77 -8.03 -12.07
N ILE D 154 -20.18 -6.96 -11.53
CA ILE D 154 -20.16 -6.76 -10.09
C ILE D 154 -21.55 -6.73 -9.43
N THR D 155 -22.55 -6.17 -10.10
CA THR D 155 -23.89 -6.12 -9.50
C THR D 155 -24.63 -7.46 -9.51
N GLU D 156 -24.11 -8.44 -10.22
CA GLU D 156 -24.77 -9.74 -10.28
C GLU D 156 -24.29 -10.71 -9.20
N GLU D 157 -25.17 -11.64 -8.83
CA GLU D 157 -24.83 -12.64 -7.82
C GLU D 157 -24.11 -13.77 -8.52
N PRO D 158 -23.32 -14.57 -7.78
CA PRO D 158 -22.61 -15.68 -8.41
C PRO D 158 -23.51 -16.90 -8.59
N ASN D 159 -22.96 -17.94 -9.20
CA ASN D 159 -23.68 -19.19 -9.39
C ASN D 159 -23.39 -19.99 -8.12
N TYR D 160 -24.36 -20.07 -7.23
CA TYR D 160 -24.19 -20.77 -5.96
C TYR D 160 -24.07 -22.29 -6.06
N ASP D 161 -25.01 -22.92 -6.75
CA ASP D 161 -25.01 -24.37 -6.91
C ASP D 161 -23.69 -24.94 -7.41
N GLU D 162 -23.12 -24.28 -8.42
CA GLU D 162 -21.87 -24.73 -9.00
C GLU D 162 -20.78 -24.86 -7.94
N VAL D 163 -20.72 -23.90 -7.03
CA VAL D 163 -19.75 -23.93 -5.95
C VAL D 163 -20.01 -25.12 -5.03
N VAL D 164 -21.23 -25.20 -4.52
CA VAL D 164 -21.63 -26.29 -3.62
C VAL D 164 -21.28 -27.67 -4.17
N ASN D 165 -21.63 -27.91 -5.42
CA ASN D 165 -21.34 -29.21 -6.04
C ASN D 165 -19.85 -29.51 -6.09
N LYS D 166 -19.04 -28.50 -6.40
CA LYS D 166 -17.61 -28.69 -6.48
C LYS D 166 -17.04 -29.05 -5.10
N VAL D 167 -17.48 -28.31 -4.08
CA VAL D 167 -17.02 -28.58 -2.72
C VAL D 167 -17.28 -30.04 -2.37
N LYS D 168 -18.50 -30.51 -2.66
CA LYS D 168 -18.87 -31.89 -2.38
C LYS D 168 -17.96 -32.86 -3.11
N GLU D 169 -17.67 -32.54 -4.37
CA GLU D 169 -16.80 -33.37 -5.19
C GLU D 169 -15.43 -33.51 -4.55
N LEU D 170 -14.93 -32.41 -3.99
CA LEU D 170 -13.62 -32.42 -3.35
C LEU D 170 -13.68 -33.10 -1.98
N ILE D 171 -14.89 -33.31 -1.49
CA ILE D 171 -15.14 -33.96 -0.19
C ILE D 171 -15.04 -33.01 0.99
#